data_7C41
#
_entry.id   7C41
#
_cell.length_a   41.907
_cell.length_b   84.339
_cell.length_c   84.335
_cell.angle_alpha   59.98
_cell.angle_beta   89.96
_cell.angle_gamma   89.97
#
_symmetry.space_group_name_H-M   'P 1'
#
loop_
_entity.id
_entity.type
_entity.pdbx_description
1 polymer 'GTPase KRas'
2 polymer 'HRAS-like suppressor 3'
3 non-polymer "GUANOSINE-5'-DIPHOSPHATE"
4 non-polymer 'MAGNESIUM ION'
5 water water
#
loop_
_entity_poly.entity_id
_entity_poly.type
_entity_poly.pdbx_seq_one_letter_code
_entity_poly.pdbx_strand_id
1 'polypeptide(L)'
;MTEYKLVVVGAVGVGKSALTIQLIQNHFVDEYDPTIEDSYRKQVVIDGETCLLDILDTAGQEEYSAMRDQYMRTGEGFLC
VFAINNTKSFEDIHHYREQIKRVKDSEDVPMVLVGNKCDLPSRTVDTKQAQDLARSYGIPFIETSAKTRQGVDDAFYTLV
REIRKHKEHHHHHH
;
A,J,M,G
2 'polypeptide(L)' LYDVAGSDKY D
#
loop_
_chem_comp.id
_chem_comp.type
_chem_comp.name
_chem_comp.formula
GDP RNA linking GUANOSINE-5'-DIPHOSPHATE 'C10 H15 N5 O11 P2'
MG non-polymer 'MAGNESIUM ION' 'Mg 2'
#
# COMPACT_ATOMS: atom_id res chain seq x y z
N MET A 1 -27.07 26.88 17.67
CA MET A 1 -27.35 25.70 18.47
C MET A 1 -26.25 24.65 18.25
N THR A 2 -25.99 23.82 19.27
CA THR A 2 -24.90 22.86 19.23
C THR A 2 -25.35 21.54 18.62
N GLU A 3 -24.56 21.02 17.68
CA GLU A 3 -24.85 19.78 16.98
C GLU A 3 -23.87 18.69 17.44
N TYR A 4 -24.40 17.49 17.64
CA TYR A 4 -23.59 16.32 18.00
C TYR A 4 -23.67 15.31 16.87
N LYS A 5 -22.53 15.04 16.23
CA LYS A 5 -22.46 14.16 15.06
C LYS A 5 -22.02 12.78 15.52
N LEU A 6 -22.93 11.82 15.45
CA LEU A 6 -22.73 10.47 15.98
C LEU A 6 -22.83 9.45 14.85
N VAL A 7 -22.20 8.30 15.07
CA VAL A 7 -22.16 7.23 14.08
C VAL A 7 -22.45 5.93 14.83
N VAL A 8 -23.47 5.21 14.37
CA VAL A 8 -23.89 3.95 14.98
C VAL A 8 -23.32 2.83 14.13
N VAL A 9 -22.39 2.06 14.68
CA VAL A 9 -21.74 0.97 13.96
C VAL A 9 -21.90 -0.32 14.75
N GLY A 10 -21.62 -1.43 14.09
CA GLY A 10 -21.84 -2.76 14.64
C GLY A 10 -22.18 -3.76 13.55
N ALA A 11 -22.11 -5.04 13.92
CA ALA A 11 -22.36 -6.12 12.97
C ALA A 11 -23.82 -6.13 12.55
N VAL A 12 -24.13 -6.83 11.46
CA VAL A 12 -25.51 -6.84 11.03
C VAL A 12 -26.34 -7.71 11.97
N GLY A 13 -27.61 -7.35 12.11
CA GLY A 13 -28.51 -8.03 13.01
C GLY A 13 -28.47 -7.51 14.43
N VAL A 14 -27.48 -6.68 14.78
CA VAL A 14 -27.32 -6.30 16.18
C VAL A 14 -28.37 -5.28 16.62
N GLY A 15 -28.89 -4.48 15.69
CA GLY A 15 -29.94 -3.51 15.99
C GLY A 15 -29.61 -2.04 15.87
N LYS A 16 -28.59 -1.72 15.05
CA LYS A 16 -28.25 -0.32 14.79
C LYS A 16 -29.49 0.49 14.42
N SER A 17 -30.25 0.02 13.42
CA SER A 17 -31.37 0.79 12.90
C SER A 17 -32.50 0.91 13.92
N ALA A 18 -32.83 -0.17 14.62
CA ALA A 18 -33.89 -0.13 15.62
C ALA A 18 -33.57 0.85 16.75
N LEU A 19 -32.32 0.81 17.24
CA LEU A 19 -31.89 1.75 18.29
C LEU A 19 -32.05 3.21 17.84
N THR A 20 -31.62 3.52 16.62
CA THR A 20 -31.72 4.90 16.13
C THR A 20 -33.17 5.35 16.02
N ILE A 21 -34.01 4.52 15.39
CA ILE A 21 -35.39 4.92 15.12
C ILE A 21 -36.18 5.03 16.43
N GLN A 22 -36.00 4.06 17.33
CA GLN A 22 -36.66 4.11 18.62
C GLN A 22 -36.14 5.28 19.46
N LEU A 23 -34.94 5.80 19.13
CA LEU A 23 -34.53 7.06 19.73
C LEU A 23 -35.19 8.26 19.06
N ILE A 24 -35.09 8.35 17.74
CA ILE A 24 -35.54 9.52 16.98
C ILE A 24 -37.07 9.57 16.88
N GLN A 25 -37.72 8.41 16.70
CA GLN A 25 -39.16 8.37 16.46
C GLN A 25 -39.92 7.55 17.50
N ASN A 26 -39.25 7.05 18.53
CA ASN A 26 -39.88 6.42 19.69
C ASN A 26 -40.83 5.28 19.30
N HIS A 27 -40.39 4.43 18.39
CA HIS A 27 -41.10 3.20 18.05
C HIS A 27 -40.12 2.15 17.54
N PHE A 28 -40.54 0.89 17.64
CA PHE A 28 -39.68 -0.27 17.42
C PHE A 28 -40.07 -0.89 16.08
N VAL A 29 -39.22 -0.72 15.06
CA VAL A 29 -39.50 -1.20 13.71
C VAL A 29 -39.26 -2.70 13.65
N ASP A 30 -40.22 -3.45 13.10
CA ASP A 30 -40.07 -4.89 13.06
C ASP A 30 -38.99 -5.28 12.07
N GLU A 31 -38.98 -4.63 10.91
CA GLU A 31 -38.01 -4.88 9.86
C GLU A 31 -37.68 -3.55 9.20
N TYR A 32 -36.39 -3.35 8.99
CA TYR A 32 -35.87 -2.12 8.41
C TYR A 32 -34.83 -2.59 7.40
N ASP A 33 -34.99 -2.16 6.15
CA ASP A 33 -34.24 -2.72 5.02
C ASP A 33 -32.77 -2.88 5.40
N PRO A 34 -32.27 -4.10 5.39
CA PRO A 34 -30.83 -4.33 5.50
C PRO A 34 -29.98 -3.36 4.71
N THR A 35 -30.40 -2.85 3.54
CA THR A 35 -29.45 -2.11 2.71
C THR A 35 -29.27 -0.66 3.11
N ILE A 36 -30.07 -0.14 4.02
CA ILE A 36 -30.32 1.29 4.10
C ILE A 36 -29.40 1.92 5.13
N GLU A 37 -28.50 2.75 4.62
CA GLU A 37 -27.76 3.73 5.42
C GLU A 37 -28.47 5.06 5.29
N ASP A 38 -28.74 5.70 6.42
CA ASP A 38 -29.47 6.96 6.42
C ASP A 38 -29.06 7.71 7.68
N SER A 39 -29.08 9.05 7.59
CA SER A 39 -28.83 9.90 8.75
C SER A 39 -30.14 10.40 9.32
N TYR A 40 -30.14 10.67 10.62
CA TYR A 40 -31.34 11.00 11.36
C TYR A 40 -31.06 12.21 12.25
N ARG A 41 -31.94 13.19 12.20
CA ARG A 41 -31.80 14.40 13.01
C ARG A 41 -33.02 14.57 13.93
N LYS A 42 -32.78 15.26 15.04
CA LYS A 42 -33.81 15.52 16.05
C LYS A 42 -33.28 16.46 17.12
N GLN A 43 -34.11 17.41 17.57
CA GLN A 43 -33.73 18.33 18.65
C GLN A 43 -34.16 17.73 19.99
N VAL A 44 -33.20 17.51 20.87
CA VAL A 44 -33.44 16.91 22.18
C VAL A 44 -32.83 17.82 23.25
N VAL A 45 -33.07 17.43 24.50
CA VAL A 45 -32.48 18.07 25.67
C VAL A 45 -31.70 17.00 26.42
N ILE A 46 -30.44 17.31 26.72
CA ILE A 46 -29.52 16.40 27.39
C ILE A 46 -28.88 17.20 28.53
N ASP A 47 -29.15 16.80 29.78
CA ASP A 47 -28.67 17.52 30.96
C ASP A 47 -29.12 18.98 30.94
N GLY A 48 -30.35 19.23 30.50
CA GLY A 48 -30.80 20.61 30.44
C GLY A 48 -30.14 21.45 29.36
N GLU A 49 -29.61 20.84 28.31
CA GLU A 49 -29.13 21.56 27.15
C GLU A 49 -29.95 21.15 25.94
N THR A 50 -30.50 22.13 25.22
CA THR A 50 -31.25 21.87 24.00
C THR A 50 -30.27 21.85 22.83
N CYS A 51 -30.13 20.68 22.18
CA CYS A 51 -29.12 20.48 21.14
C CYS A 51 -29.77 19.71 19.99
N LEU A 52 -28.99 19.45 18.94
CA LEU A 52 -29.46 18.74 17.75
C LEU A 52 -28.57 17.53 17.50
N LEU A 53 -29.15 16.33 17.59
CA LEU A 53 -28.43 15.12 17.25
C LEU A 53 -28.50 14.87 15.76
N ASP A 54 -27.36 14.50 15.18
CA ASP A 54 -27.23 14.23 13.75
C ASP A 54 -26.52 12.87 13.64
N ILE A 55 -27.32 11.82 13.49
CA ILE A 55 -26.86 10.45 13.67
C ILE A 55 -26.82 9.75 12.32
N LEU A 56 -25.72 9.03 12.04
CA LEU A 56 -25.61 8.20 10.84
C LEU A 56 -25.76 6.75 11.24
N ASP A 57 -26.83 6.11 10.78
CA ASP A 57 -27.04 4.68 11.00
C ASP A 57 -26.41 3.93 9.82
N THR A 58 -25.24 3.33 10.06
CA THR A 58 -24.41 2.80 8.98
C THR A 58 -24.90 1.45 8.49
N ALA A 59 -24.60 1.18 7.21
CA ALA A 59 -24.97 -0.05 6.54
C ALA A 59 -23.78 -0.91 6.13
N GLY A 60 -22.57 -0.35 6.07
CA GLY A 60 -21.37 -1.16 5.94
C GLY A 60 -21.06 -1.65 4.55
N GLN A 61 -21.68 -1.08 3.53
CA GLN A 61 -21.63 -1.62 2.18
C GLN A 61 -20.58 -0.92 1.32
N GLU A 62 -20.24 -1.57 0.21
CA GLU A 62 -19.07 -1.15 -0.57
C GLU A 62 -19.32 0.13 -1.35
N GLU A 63 -20.49 0.25 -1.99
CA GLU A 63 -20.75 1.37 -2.89
C GLU A 63 -20.46 2.71 -2.23
N TYR A 64 -19.70 3.56 -2.95
CA TYR A 64 -19.26 4.85 -2.41
C TYR A 64 -20.42 5.75 -2.00
N SER A 65 -20.33 6.30 -0.80
CA SER A 65 -21.29 7.28 -0.29
C SER A 65 -20.51 8.50 0.19
N ALA A 66 -20.68 9.64 -0.48
CA ALA A 66 -19.99 10.84 -0.03
C ALA A 66 -20.41 11.19 1.39
N MET A 67 -21.68 10.95 1.72
CA MET A 67 -22.21 11.23 3.05
C MET A 67 -21.52 10.39 4.13
N ARG A 68 -21.43 9.08 3.90
CA ARG A 68 -20.70 8.21 4.83
C ARG A 68 -19.34 8.77 5.15
N ASP A 69 -18.55 9.08 4.11
CA ASP A 69 -17.23 9.68 4.31
C ASP A 69 -17.33 11.01 5.06
N GLN A 70 -18.37 11.80 4.77
CA GLN A 70 -18.58 13.05 5.53
C GLN A 70 -18.78 12.74 7.02
N TYR A 71 -19.49 11.64 7.35
CA TYR A 71 -19.74 11.30 8.76
C TYR A 71 -18.49 10.73 9.42
N MET A 72 -17.68 10.01 8.66
CA MET A 72 -16.40 9.52 9.18
C MET A 72 -15.42 10.67 9.43
N ARG A 73 -15.33 11.65 8.51
CA ARG A 73 -14.33 12.71 8.72
C ARG A 73 -14.72 13.65 9.85
N THR A 74 -16.01 13.94 10.00
CA THR A 74 -16.46 14.92 10.98
C THR A 74 -17.18 14.32 12.17
N GLY A 75 -17.47 13.02 12.17
CA GLY A 75 -18.17 12.44 13.30
C GLY A 75 -17.38 12.57 14.58
N GLU A 76 -18.10 12.87 15.67
CA GLU A 76 -17.50 13.23 16.96
C GLU A 76 -17.56 12.09 17.99
N GLY A 77 -18.52 11.17 17.86
CA GLY A 77 -18.68 10.06 18.77
C GLY A 77 -19.30 8.89 18.05
N PHE A 78 -19.13 7.71 18.64
CA PHE A 78 -19.51 6.46 17.98
C PHE A 78 -20.17 5.54 18.98
N LEU A 79 -21.12 4.74 18.49
CA LEU A 79 -21.71 3.64 19.24
C LEU A 79 -21.26 2.34 18.60
N CYS A 80 -20.57 1.51 19.36
CA CYS A 80 -20.12 0.21 18.86
C CYS A 80 -21.05 -0.83 19.47
N VAL A 81 -22.00 -1.29 18.66
CA VAL A 81 -23.16 -2.02 19.16
C VAL A 81 -23.05 -3.49 18.77
N PHE A 82 -23.43 -4.36 19.70
CA PHE A 82 -23.52 -5.80 19.48
C PHE A 82 -24.78 -6.30 20.19
N ALA A 83 -25.20 -7.51 19.88
CA ALA A 83 -26.31 -8.14 20.58
C ALA A 83 -25.77 -9.12 21.63
N ILE A 84 -26.43 -9.12 22.80
CA ILE A 84 -26.02 -10.00 23.88
C ILE A 84 -26.38 -11.47 23.62
N ASN A 85 -27.21 -11.75 22.62
CA ASN A 85 -27.49 -13.11 22.18
C ASN A 85 -26.74 -13.46 20.90
N ASN A 86 -25.70 -12.69 20.55
CA ASN A 86 -24.97 -12.89 19.30
C ASN A 86 -23.47 -12.79 19.62
N THR A 87 -22.87 -13.92 19.99
CA THR A 87 -21.47 -13.94 20.40
C THR A 87 -20.57 -13.38 19.30
N LYS A 88 -20.86 -13.71 18.04
CA LYS A 88 -20.02 -13.29 16.93
C LYS A 88 -20.04 -11.77 16.77
N SER A 89 -21.14 -11.12 17.13
CA SER A 89 -21.20 -9.66 17.08
C SER A 89 -20.30 -9.01 18.13
N PHE A 90 -20.13 -9.63 19.29
CA PHE A 90 -19.21 -9.11 20.28
C PHE A 90 -17.76 -9.28 19.83
N GLU A 91 -17.47 -10.42 19.21
CA GLU A 91 -16.15 -10.67 18.63
C GLU A 91 -15.84 -9.72 17.49
N ASP A 92 -16.86 -9.13 16.86
CA ASP A 92 -16.67 -8.16 15.79
C ASP A 92 -16.44 -6.74 16.30
N ILE A 93 -16.59 -6.48 17.60
CA ILE A 93 -16.53 -5.10 18.08
C ILE A 93 -15.15 -4.51 17.84
N HIS A 94 -14.10 -5.27 18.14
CA HIS A 94 -12.74 -4.76 18.01
C HIS A 94 -12.47 -4.22 16.60
N HIS A 95 -12.90 -4.96 15.58
CA HIS A 95 -12.67 -4.53 14.20
C HIS A 95 -13.23 -3.13 13.95
N TYR A 96 -14.42 -2.84 14.47
CA TYR A 96 -14.98 -1.50 14.28
C TYR A 96 -14.22 -0.45 15.08
N ARG A 97 -13.83 -0.77 16.32
CA ARG A 97 -13.07 0.20 17.10
C ARG A 97 -11.74 0.53 16.42
N GLU A 98 -11.08 -0.48 15.84
CA GLU A 98 -9.84 -0.24 15.13
C GLU A 98 -10.07 0.65 13.91
N GLN A 99 -11.12 0.37 13.14
CA GLN A 99 -11.53 1.26 12.04
C GLN A 99 -11.64 2.71 12.51
N ILE A 100 -12.43 2.93 13.57
CA ILE A 100 -12.65 4.27 14.09
C ILE A 100 -11.33 4.93 14.48
N LYS A 101 -10.46 4.19 15.18
CA LYS A 101 -9.12 4.70 15.50
C LYS A 101 -8.35 5.08 14.24
N ARG A 102 -8.54 4.32 13.17
CA ARG A 102 -7.90 4.65 11.90
C ARG A 102 -8.41 5.98 11.35
N VAL A 103 -9.73 6.21 11.42
CA VAL A 103 -10.32 7.39 10.78
C VAL A 103 -9.93 8.66 11.50
N LYS A 104 -9.85 8.62 12.83
CA LYS A 104 -9.46 9.80 13.59
C LYS A 104 -7.96 9.82 13.91
N ASP A 105 -7.23 8.77 13.55
CA ASP A 105 -5.81 8.64 13.89
C ASP A 105 -5.61 8.97 15.36
N SER A 106 -6.43 8.33 16.20
CA SER A 106 -6.42 8.59 17.63
C SER A 106 -6.98 7.37 18.34
N GLU A 107 -6.29 6.95 19.41
CA GLU A 107 -6.78 5.93 20.33
C GLU A 107 -7.81 6.48 21.31
N ASP A 108 -8.10 7.78 21.25
CA ASP A 108 -8.95 8.46 22.21
C ASP A 108 -10.14 9.11 21.49
N VAL A 109 -11.04 8.29 20.98
CA VAL A 109 -12.28 8.75 20.33
C VAL A 109 -13.44 8.51 21.27
N PRO A 110 -14.27 9.51 21.58
CA PRO A 110 -15.46 9.27 22.42
C PRO A 110 -16.34 8.18 21.82
N MET A 111 -16.51 7.09 22.58
CA MET A 111 -17.21 5.91 22.10
C MET A 111 -18.09 5.36 23.22
N VAL A 112 -19.10 4.61 22.83
CA VAL A 112 -19.94 3.90 23.79
C VAL A 112 -20.14 2.49 23.29
N LEU A 113 -19.79 1.52 24.13
CA LEU A 113 -19.98 0.10 23.84
C LEU A 113 -21.35 -0.32 24.32
N VAL A 114 -22.19 -0.78 23.40
CA VAL A 114 -23.61 -1.02 23.64
C VAL A 114 -23.89 -2.50 23.42
N GLY A 115 -24.52 -3.14 24.40
CA GLY A 115 -25.10 -4.45 24.18
C GLY A 115 -26.60 -4.32 23.99
N ASN A 116 -27.10 -4.46 22.76
CA ASN A 116 -28.52 -4.32 22.48
C ASN A 116 -29.24 -5.64 22.75
N LYS A 117 -30.59 -5.57 22.79
CA LYS A 117 -31.47 -6.73 22.99
C LYS A 117 -31.44 -7.26 24.42
N CYS A 118 -31.27 -6.39 25.41
CA CYS A 118 -31.32 -6.80 26.81
C CYS A 118 -32.66 -7.36 27.24
N ASP A 119 -33.69 -7.27 26.39
CA ASP A 119 -34.98 -7.86 26.69
C ASP A 119 -35.00 -9.38 26.46
N LEU A 120 -33.92 -9.94 25.93
CA LEU A 120 -33.94 -11.34 25.53
C LEU A 120 -33.32 -12.22 26.60
N PRO A 121 -33.94 -13.39 26.86
CA PRO A 121 -33.40 -14.26 27.92
C PRO A 121 -32.11 -14.95 27.53
N SER A 122 -32.02 -15.38 26.28
CA SER A 122 -30.85 -16.09 25.75
C SER A 122 -29.67 -15.13 25.69
N ARG A 123 -28.75 -15.25 26.63
CA ARG A 123 -27.66 -14.29 26.74
C ARG A 123 -26.34 -15.04 26.69
N THR A 124 -25.56 -14.81 25.65
CA THR A 124 -24.29 -15.50 25.53
C THR A 124 -23.11 -14.61 25.87
N VAL A 125 -23.24 -13.30 25.69
CA VAL A 125 -22.23 -12.33 26.08
C VAL A 125 -22.67 -11.73 27.41
N ASP A 126 -22.03 -12.12 28.50
CA ASP A 126 -22.52 -11.67 29.78
C ASP A 126 -21.94 -10.31 30.14
N THR A 127 -22.57 -9.69 31.14
CA THR A 127 -22.25 -8.32 31.53
C THR A 127 -20.76 -8.15 31.81
N LYS A 128 -20.21 -8.98 32.69
CA LYS A 128 -18.82 -8.83 33.08
C LYS A 128 -17.91 -8.90 31.87
N GLN A 129 -18.20 -9.80 30.94
CA GLN A 129 -17.38 -9.95 29.75
C GLN A 129 -17.44 -8.70 28.88
N ALA A 130 -18.61 -8.07 28.80
CA ALA A 130 -18.72 -6.80 28.10
C ALA A 130 -18.11 -5.67 28.92
N GLN A 131 -18.19 -5.76 30.26
CA GLN A 131 -17.52 -4.79 31.11
C GLN A 131 -15.99 -4.91 31.01
N ASP A 132 -15.48 -6.14 30.88
CA ASP A 132 -14.05 -6.34 30.61
C ASP A 132 -13.63 -5.61 29.34
N LEU A 133 -14.42 -5.75 28.27
CA LEU A 133 -14.04 -5.13 27.01
C LEU A 133 -14.10 -3.61 27.11
N ALA A 134 -15.22 -3.07 27.60
CA ALA A 134 -15.34 -1.61 27.74
C ALA A 134 -14.24 -1.04 28.63
N ARG A 135 -13.83 -1.77 29.67
CA ARG A 135 -12.76 -1.30 30.55
C ARG A 135 -11.41 -1.30 29.82
N SER A 136 -11.18 -2.28 28.94
CA SER A 136 -9.93 -2.29 28.20
C SER A 136 -9.89 -1.19 27.15
N TYR A 137 -11.05 -0.68 26.71
CA TYR A 137 -11.06 0.46 25.79
C TYR A 137 -11.01 1.79 26.54
N GLY A 138 -11.50 1.84 27.76
CA GLY A 138 -11.61 3.09 28.49
C GLY A 138 -12.91 3.84 28.26
N ILE A 139 -14.01 3.13 28.01
CA ILE A 139 -15.22 3.78 27.53
C ILE A 139 -16.39 3.29 28.35
N PRO A 140 -17.49 4.01 28.38
CA PRO A 140 -18.69 3.50 29.02
C PRO A 140 -19.26 2.31 28.25
N PHE A 141 -19.87 1.40 29.00
CA PHE A 141 -20.61 0.26 28.45
C PHE A 141 -22.06 0.38 28.91
N ILE A 142 -22.99 0.28 27.97
CA ILE A 142 -24.41 0.47 28.29
C ILE A 142 -25.21 -0.66 27.68
N GLU A 143 -26.12 -1.20 28.48
CA GLU A 143 -27.02 -2.27 28.08
C GLU A 143 -28.32 -1.67 27.58
N THR A 144 -28.74 -2.02 26.36
CA THR A 144 -29.95 -1.45 25.81
C THR A 144 -30.90 -2.53 25.29
N SER A 145 -32.16 -2.12 25.11
CA SER A 145 -33.15 -2.86 24.33
C SER A 145 -33.92 -1.85 23.48
N ALA A 146 -33.64 -1.83 22.18
CA ALA A 146 -34.47 -1.00 21.30
C ALA A 146 -35.94 -1.45 21.29
N LYS A 147 -36.22 -2.69 21.71
CA LYS A 147 -37.59 -3.19 21.71
C LYS A 147 -38.43 -2.49 22.78
N THR A 148 -37.98 -2.53 24.02
CA THR A 148 -38.65 -1.93 25.16
C THR A 148 -38.08 -0.55 25.55
N ARG A 149 -37.23 0.03 24.70
CA ARG A 149 -36.63 1.36 24.90
C ARG A 149 -35.68 1.45 26.09
N GLN A 150 -35.44 0.34 26.78
CA GLN A 150 -34.55 0.38 27.92
C GLN A 150 -33.12 0.78 27.54
N GLY A 151 -32.57 1.76 28.25
CA GLY A 151 -31.22 2.25 28.02
C GLY A 151 -31.00 3.03 26.73
N VAL A 152 -32.03 3.17 25.88
CA VAL A 152 -31.87 3.78 24.56
C VAL A 152 -31.44 5.23 24.68
N ASP A 153 -32.06 5.99 25.59
CA ASP A 153 -31.67 7.38 25.75
C ASP A 153 -30.30 7.50 26.38
N ASP A 154 -30.02 6.68 27.39
CA ASP A 154 -28.74 6.76 28.08
C ASP A 154 -27.57 6.45 27.14
N ALA A 155 -27.75 5.49 26.23
CA ALA A 155 -26.65 5.10 25.35
C ALA A 155 -26.20 6.27 24.50
N PHE A 156 -27.16 6.94 23.85
CA PHE A 156 -26.84 8.09 22.98
C PHE A 156 -26.41 9.30 23.80
N TYR A 157 -27.08 9.53 24.95
CA TYR A 157 -26.77 10.70 25.77
C TYR A 157 -25.41 10.56 26.45
N THR A 158 -25.07 9.34 26.90
CA THR A 158 -23.71 9.13 27.39
C THR A 158 -22.68 9.42 26.31
N LEU A 159 -23.00 9.10 25.05
CA LEU A 159 -22.07 9.40 23.97
C LEU A 159 -21.89 10.91 23.81
N VAL A 160 -22.98 11.66 23.89
CA VAL A 160 -22.91 13.12 23.83
C VAL A 160 -22.07 13.64 25.00
N ARG A 161 -22.22 13.02 26.17
CA ARG A 161 -21.43 13.42 27.33
C ARG A 161 -19.94 13.11 27.13
N GLU A 162 -19.60 11.98 26.53
CA GLU A 162 -18.20 11.71 26.22
C GLU A 162 -17.68 12.71 25.19
N ILE A 163 -18.55 13.25 24.33
CA ILE A 163 -18.14 14.21 23.32
C ILE A 163 -17.84 15.57 23.95
N ARG A 164 -18.68 16.01 24.89
CA ARG A 164 -18.43 17.26 25.59
C ARG A 164 -17.09 17.24 26.33
N LYS A 165 -16.80 16.14 27.02
CA LYS A 165 -15.55 16.02 27.76
C LYS A 165 -14.35 16.12 26.83
N HIS A 166 -14.38 15.39 25.72
CA HIS A 166 -13.30 15.49 24.75
C HIS A 166 -13.16 16.90 24.17
N LYS A 167 -14.24 17.68 24.17
CA LYS A 167 -14.24 18.99 23.53
C LYS A 167 -13.56 20.08 24.36
N GLU A 168 -13.09 19.79 25.58
CA GLU A 168 -12.31 20.78 26.36
C GLU A 168 -10.94 20.23 26.76
N LEU B 1 -23.16 -4.96 4.10
CA LEU B 1 -23.23 -6.32 4.63
C LEU B 1 -24.25 -6.34 5.77
N TYR B 2 -24.60 -5.14 6.24
CA TYR B 2 -25.93 -4.94 6.83
C TYR B 2 -26.99 -5.27 5.80
N ASP B 3 -26.75 -4.82 4.57
CA ASP B 3 -27.59 -4.86 3.38
C ASP B 3 -28.28 -6.18 3.03
N VAL B 4 -27.83 -7.28 3.62
CA VAL B 4 -28.12 -8.59 3.06
C VAL B 4 -28.68 -9.52 4.12
N ALA B 5 -28.05 -9.53 5.29
CA ALA B 5 -28.49 -10.39 6.40
C ALA B 5 -29.58 -9.69 7.20
N GLY B 6 -29.30 -8.47 7.65
CA GLY B 6 -30.32 -7.48 7.90
C GLY B 6 -30.93 -7.44 9.27
N SER B 7 -31.70 -8.48 9.58
CA SER B 7 -32.35 -8.68 10.86
C SER B 7 -31.81 -9.89 11.58
N ASP B 8 -31.16 -10.77 10.84
CA ASP B 8 -30.54 -11.98 11.32
C ASP B 8 -29.25 -11.62 12.03
N LYS B 9 -28.12 -11.76 11.31
CA LYS B 9 -26.85 -12.14 11.88
C LYS B 9 -25.87 -12.51 10.74
N TYR B 10 -24.61 -12.77 11.07
CA TYR B 10 -23.62 -13.38 10.13
C TYR B 10 -22.27 -13.69 10.80
N MET C 1 -15.56 11.62 -4.87
CA MET C 1 -14.54 10.65 -4.45
C MET C 1 -13.14 11.02 -4.93
N THR C 2 -12.19 11.06 -4.00
CA THR C 2 -10.82 11.45 -4.33
C THR C 2 -10.09 10.31 -5.02
N GLU C 3 -9.42 10.62 -6.13
CA GLU C 3 -8.57 9.65 -6.80
C GLU C 3 -7.11 9.91 -6.47
N TYR C 4 -6.34 8.85 -6.28
CA TYR C 4 -4.91 8.95 -6.08
C TYR C 4 -4.21 8.23 -7.21
N LYS C 5 -3.39 8.97 -7.97
CA LYS C 5 -2.71 8.42 -9.13
C LYS C 5 -1.37 7.85 -8.67
N LEU C 6 -1.28 6.53 -8.65
CA LEU C 6 -0.09 5.82 -8.21
C LEU C 6 0.68 5.27 -9.40
N VAL C 7 2.00 5.18 -9.27
CA VAL C 7 2.87 4.61 -10.29
C VAL C 7 3.82 3.61 -9.60
N VAL C 8 3.75 2.35 -10.03
CA VAL C 8 4.63 1.27 -9.57
C VAL C 8 5.86 1.18 -10.51
N VAL C 9 7.06 1.39 -9.96
CA VAL C 9 8.29 1.28 -10.74
C VAL C 9 9.26 0.37 -10.03
N GLY C 10 10.24 -0.08 -10.78
CA GLY C 10 11.25 -1.00 -10.29
C GLY C 10 11.82 -1.78 -11.43
N ALA C 11 12.83 -2.57 -11.11
CA ALA C 11 13.51 -3.35 -12.13
C ALA C 11 12.58 -4.42 -12.67
N VAL C 12 12.88 -4.84 -13.90
CA VAL C 12 12.03 -5.80 -14.58
C VAL C 12 12.06 -7.11 -13.82
N GLY C 13 10.88 -7.68 -13.55
CA GLY C 13 10.79 -8.96 -12.86
C GLY C 13 10.88 -8.91 -11.35
N VAL C 14 10.83 -7.72 -10.75
CA VAL C 14 10.72 -7.63 -9.29
C VAL C 14 9.30 -7.82 -8.77
N GLY C 15 8.28 -7.77 -9.64
CA GLY C 15 6.93 -8.13 -9.21
C GLY C 15 5.92 -7.00 -9.28
N LYS C 16 6.17 -6.04 -10.16
CA LYS C 16 5.34 -4.84 -10.14
C LYS C 16 3.93 -5.21 -10.54
N SER C 17 3.83 -6.10 -11.54
CA SER C 17 2.55 -6.58 -12.03
C SER C 17 1.86 -7.50 -11.02
N ALA C 18 2.58 -8.49 -10.48
CA ALA C 18 2.00 -9.37 -9.48
C ALA C 18 1.42 -8.61 -8.29
N LEU C 19 2.11 -7.53 -7.87
CA LEU C 19 1.66 -6.72 -6.75
C LEU C 19 0.39 -5.94 -7.09
N THR C 20 0.39 -5.29 -8.27
CA THR C 20 -0.75 -4.49 -8.69
C THR C 20 -1.99 -5.37 -8.86
N ILE C 21 -1.81 -6.50 -9.55
CA ILE C 21 -2.90 -7.44 -9.74
C ILE C 21 -3.35 -8.02 -8.42
N GLN C 22 -2.42 -8.20 -7.48
CA GLN C 22 -2.81 -8.73 -6.18
C GLN C 22 -3.57 -7.68 -5.38
N LEU C 23 -3.23 -6.39 -5.52
CA LEU C 23 -4.03 -5.37 -4.85
C LEU C 23 -5.41 -5.22 -5.49
N ILE C 24 -5.46 -5.21 -6.83
CA ILE C 24 -6.70 -4.87 -7.53
C ILE C 24 -7.67 -6.05 -7.54
N GLN C 25 -7.17 -7.24 -7.84
CA GLN C 25 -8.04 -8.40 -8.06
C GLN C 25 -7.81 -9.52 -7.07
N ASN C 26 -6.95 -9.31 -6.06
CA ASN C 26 -6.82 -10.19 -4.89
C ASN C 26 -6.42 -11.63 -5.26
N HIS C 27 -5.59 -11.79 -6.28
CA HIS C 27 -5.10 -13.11 -6.63
C HIS C 27 -3.67 -12.97 -7.17
N PHE C 28 -2.96 -14.10 -7.20
CA PHE C 28 -1.53 -14.15 -7.54
C PHE C 28 -1.36 -14.73 -8.94
N VAL C 29 -0.85 -13.92 -9.85
CA VAL C 29 -0.55 -14.31 -11.22
C VAL C 29 0.87 -14.84 -11.31
N ASP C 30 1.06 -15.98 -11.99
CA ASP C 30 2.37 -16.61 -12.06
C ASP C 30 3.25 -15.96 -13.11
N GLU C 31 2.69 -15.72 -14.30
CA GLU C 31 3.40 -15.06 -15.39
C GLU C 31 2.50 -13.95 -15.91
N TYR C 32 3.08 -12.77 -16.04
CA TYR C 32 2.41 -11.63 -16.63
C TYR C 32 3.41 -10.95 -17.55
N ASP C 33 3.06 -10.81 -18.83
CA ASP C 33 3.91 -10.30 -19.90
C ASP C 33 4.67 -9.07 -19.41
N PRO C 34 6.01 -9.13 -19.39
CA PRO C 34 6.79 -8.02 -18.82
C PRO C 34 6.72 -6.75 -19.64
N THR C 35 6.27 -6.83 -20.89
CA THR C 35 6.16 -5.67 -21.74
C THR C 35 4.78 -5.04 -21.69
N ILE C 36 3.85 -5.58 -20.92
CA ILE C 36 2.53 -4.96 -20.82
C ILE C 36 2.60 -3.90 -19.72
N GLU C 37 2.32 -2.68 -20.13
CA GLU C 37 2.14 -1.57 -19.24
C GLU C 37 0.67 -1.17 -19.35
N ASP C 38 -0.05 -1.21 -18.25
CA ASP C 38 -1.46 -0.85 -18.22
C ASP C 38 -1.76 -0.18 -16.89
N SER C 39 -2.85 0.56 -16.88
CA SER C 39 -3.35 1.21 -15.68
C SER C 39 -4.51 0.42 -15.11
N TYR C 40 -4.67 0.52 -13.78
CA TYR C 40 -5.62 -0.28 -13.03
C TYR C 40 -6.35 0.63 -12.05
N ARG C 41 -7.64 0.36 -11.85
CA ARG C 41 -8.50 1.14 -10.96
C ARG C 41 -9.10 0.23 -9.91
N LYS C 42 -9.22 0.71 -8.68
CA LYS C 42 -9.89 -0.04 -7.61
C LYS C 42 -10.30 0.90 -6.50
N GLN C 43 -11.54 0.75 -6.05
CA GLN C 43 -12.06 1.53 -4.94
C GLN C 43 -11.63 0.89 -3.62
N VAL C 44 -11.13 1.71 -2.70
CA VAL C 44 -10.68 1.24 -1.41
C VAL C 44 -11.18 2.24 -0.37
N VAL C 45 -11.09 1.83 0.88
CA VAL C 45 -11.34 2.69 2.03
C VAL C 45 -10.02 2.72 2.81
N ILE C 46 -9.45 3.90 2.97
CA ILE C 46 -8.20 4.04 3.71
C ILE C 46 -8.43 5.07 4.81
N ASP C 47 -8.33 4.61 6.05
CA ASP C 47 -8.55 5.45 7.23
C ASP C 47 -9.88 6.18 7.13
N GLY C 48 -10.91 5.44 6.76
CA GLY C 48 -12.25 5.97 6.70
C GLY C 48 -12.56 6.85 5.50
N GLU C 49 -11.64 6.98 4.54
CA GLU C 49 -11.90 7.74 3.31
C GLU C 49 -12.03 6.80 2.12
N THR C 50 -13.21 6.79 1.49
CA THR C 50 -13.43 6.01 0.28
C THR C 50 -12.75 6.71 -0.89
N CYS C 51 -11.79 6.04 -1.51
CA CYS C 51 -11.04 6.64 -2.61
C CYS C 51 -10.86 5.65 -3.73
N LEU C 52 -10.46 6.21 -4.87
CA LEU C 52 -10.19 5.46 -6.08
C LEU C 52 -8.67 5.46 -6.31
N LEU C 53 -8.08 4.28 -6.34
CA LEU C 53 -6.68 4.15 -6.69
C LEU C 53 -6.58 3.94 -8.20
N ASP C 54 -5.77 4.77 -8.83
CA ASP C 54 -5.57 4.76 -10.27
C ASP C 54 -4.08 4.53 -10.47
N ILE C 55 -3.71 3.29 -10.82
CA ILE C 55 -2.36 2.76 -10.63
C ILE C 55 -1.76 2.40 -11.99
N LEU C 56 -0.58 2.94 -12.28
CA LEU C 56 0.13 2.60 -13.52
C LEU C 56 1.21 1.58 -13.21
N ASP C 57 1.06 0.38 -13.79
CA ASP C 57 2.07 -0.67 -13.70
C ASP C 57 3.04 -0.43 -14.85
N THR C 58 4.18 0.20 -14.56
CA THR C 58 5.12 0.51 -15.66
C THR C 58 5.85 -0.75 -16.12
N ALA C 59 6.20 -0.76 -17.40
CA ALA C 59 6.94 -1.87 -17.99
C ALA C 59 8.10 -1.40 -18.84
N GLY C 60 8.37 -0.10 -18.86
CA GLY C 60 9.55 0.44 -19.53
C GLY C 60 9.58 0.26 -21.03
N GLN C 61 8.45 -0.09 -21.63
CA GLN C 61 8.44 -0.44 -23.04
C GLN C 61 8.34 0.78 -23.95
N GLU C 62 8.85 0.61 -25.17
CA GLU C 62 9.01 1.74 -26.08
C GLU C 62 7.74 2.07 -26.85
N GLU C 63 6.83 1.12 -27.02
CA GLU C 63 5.65 1.38 -27.85
C GLU C 63 4.82 2.51 -27.23
N TYR C 64 4.05 3.18 -28.10
CA TYR C 64 3.25 4.35 -27.74
C TYR C 64 2.42 4.14 -26.47
N SER C 65 2.53 5.07 -25.53
CA SER C 65 1.70 4.99 -24.31
C SER C 65 1.16 6.38 -23.97
N ALA C 66 0.04 6.73 -24.60
CA ALA C 66 -0.63 7.99 -24.31
C ALA C 66 -1.25 8.00 -22.92
N MET C 67 -1.51 6.82 -22.36
CA MET C 67 -1.94 6.73 -20.97
C MET C 67 -0.80 6.95 -20.00
N ARG C 68 0.42 6.53 -20.38
CA ARG C 68 1.56 6.61 -19.46
C ARG C 68 1.99 8.05 -19.21
N ASP C 69 2.32 8.78 -20.28
CA ASP C 69 2.93 10.10 -20.10
C ASP C 69 2.00 11.08 -19.40
N GLN C 70 0.74 10.70 -19.15
CA GLN C 70 -0.13 11.41 -18.21
C GLN C 70 0.02 10.89 -16.80
N TYR C 71 0.53 9.66 -16.62
CA TYR C 71 0.90 9.19 -15.31
C TYR C 71 2.24 9.75 -14.89
N MET C 72 3.19 9.83 -15.81
CA MET C 72 4.53 10.31 -15.47
C MET C 72 4.49 11.79 -15.10
N ARG C 73 3.94 12.62 -15.98
CA ARG C 73 3.80 14.03 -15.64
C ARG C 73 2.97 14.21 -14.37
N THR C 74 1.82 13.54 -14.29
CA THR C 74 0.80 13.83 -13.28
C THR C 74 0.62 12.68 -12.27
N GLY C 75 1.69 11.93 -11.99
CA GLY C 75 1.62 10.97 -10.88
C GLY C 75 1.84 11.65 -9.55
N GLU C 76 1.07 11.22 -8.55
CA GLU C 76 1.12 11.80 -7.20
C GLU C 76 2.00 11.01 -6.25
N GLY C 77 2.13 9.70 -6.46
CA GLY C 77 2.91 8.86 -5.57
C GLY C 77 3.58 7.76 -6.37
N PHE C 78 4.67 7.24 -5.83
CA PHE C 78 5.37 6.15 -6.50
C PHE C 78 5.70 5.02 -5.52
N LEU C 79 5.49 3.79 -5.99
CA LEU C 79 6.01 2.59 -5.35
C LEU C 79 7.34 2.19 -6.02
N CYS C 80 8.44 2.20 -5.24
CA CYS C 80 9.78 1.85 -5.75
C CYS C 80 10.13 0.46 -5.26
N VAL C 81 9.99 -0.53 -6.15
CA VAL C 81 9.99 -1.93 -5.79
C VAL C 81 11.32 -2.56 -6.21
N PHE C 82 11.88 -3.37 -5.32
CA PHE C 82 12.97 -4.27 -5.61
C PHE C 82 12.59 -5.62 -5.04
N ALA C 83 13.33 -6.63 -5.42
CA ALA C 83 13.10 -7.98 -4.94
C ALA C 83 14.22 -8.36 -3.98
N ILE C 84 13.86 -8.85 -2.78
CA ILE C 84 14.81 -9.19 -1.73
C ILE C 84 15.72 -10.35 -2.09
N ASN C 85 15.40 -11.12 -3.14
CA ASN C 85 16.32 -12.12 -3.67
C ASN C 85 17.06 -11.62 -4.92
N ASN C 86 17.16 -10.31 -5.09
CA ASN C 86 17.69 -9.72 -6.32
C ASN C 86 18.47 -8.46 -5.89
N THR C 87 19.75 -8.66 -5.57
CA THR C 87 20.61 -7.57 -5.15
C THR C 87 20.62 -6.46 -6.19
N LYS C 88 20.62 -6.85 -7.46
CA LYS C 88 20.72 -5.86 -8.54
C LYS C 88 19.52 -4.93 -8.53
N SER C 89 18.31 -5.47 -8.39
CA SER C 89 17.13 -4.61 -8.31
C SER C 89 17.22 -3.64 -7.12
N PHE C 90 17.90 -4.02 -6.05
CA PHE C 90 18.08 -3.09 -4.92
C PHE C 90 19.05 -1.96 -5.30
N GLU C 91 20.20 -2.32 -5.88
CA GLU C 91 21.14 -1.31 -6.35
C GLU C 91 20.53 -0.38 -7.41
N ASP C 92 19.50 -0.82 -8.14
CA ASP C 92 18.83 0.00 -9.15
C ASP C 92 17.87 1.02 -8.56
N ILE C 93 17.46 0.84 -7.30
CA ILE C 93 16.36 1.64 -6.76
C ILE C 93 16.66 3.12 -6.89
N HIS C 94 17.92 3.49 -6.64
CA HIS C 94 18.33 4.89 -6.66
C HIS C 94 18.03 5.53 -8.01
N HIS C 95 18.42 4.86 -9.09
CA HIS C 95 18.12 5.32 -10.44
C HIS C 95 16.64 5.66 -10.62
N TYR C 96 15.76 4.80 -10.12
CA TYR C 96 14.33 5.05 -10.22
C TYR C 96 13.90 6.25 -9.38
N ARG C 97 14.48 6.43 -8.19
CA ARG C 97 14.17 7.62 -7.40
C ARG C 97 14.65 8.89 -8.11
N GLU C 98 15.91 8.87 -8.59
CA GLU C 98 16.44 10.00 -9.34
C GLU C 98 15.54 10.33 -10.54
N GLN C 99 15.10 9.31 -11.26
CA GLN C 99 14.15 9.50 -12.36
C GLN C 99 12.89 10.24 -11.89
N ILE C 100 12.29 9.76 -10.81
CA ILE C 100 11.06 10.37 -10.32
C ILE C 100 11.29 11.85 -9.95
N LYS C 101 12.44 12.16 -9.35
CA LYS C 101 12.74 13.54 -8.99
C LYS C 101 12.81 14.45 -10.22
N ARG C 102 13.38 13.97 -11.32
CA ARG C 102 13.49 14.82 -12.50
C ARG C 102 12.12 15.01 -13.16
N VAL C 103 11.30 13.93 -13.25
CA VAL C 103 9.96 14.07 -13.83
C VAL C 103 9.19 15.19 -13.15
N LYS C 104 9.27 15.26 -11.83
CA LYS C 104 8.46 16.20 -11.06
C LYS C 104 9.23 17.46 -10.68
N ASP C 105 10.51 17.56 -11.08
CA ASP C 105 11.33 18.72 -10.72
C ASP C 105 11.13 19.02 -9.23
N SER C 106 11.15 17.95 -8.43
CA SER C 106 10.91 18.03 -7.01
C SER C 106 11.69 16.94 -6.29
N GLU C 107 12.32 17.31 -5.19
CA GLU C 107 12.95 16.39 -4.27
C GLU C 107 12.01 15.95 -3.15
N ASP C 108 10.72 16.29 -3.28
CA ASP C 108 9.69 15.91 -2.33
C ASP C 108 8.53 15.27 -3.08
N VAL C 109 8.76 14.05 -3.55
CA VAL C 109 7.73 13.24 -4.20
C VAL C 109 7.36 12.12 -3.24
N PRO C 110 6.07 11.96 -2.90
CA PRO C 110 5.66 10.82 -2.09
C PRO C 110 6.09 9.50 -2.72
N MET C 111 6.79 8.69 -1.91
CA MET C 111 7.30 7.42 -2.37
C MET C 111 7.21 6.42 -1.24
N VAL C 112 7.07 5.16 -1.58
CA VAL C 112 7.31 4.07 -0.65
C VAL C 112 8.32 3.10 -1.27
N LEU C 113 9.25 2.62 -0.43
CA LEU C 113 10.19 1.57 -0.78
C LEU C 113 9.60 0.20 -0.42
N VAL C 114 9.52 -0.67 -1.40
CA VAL C 114 8.83 -1.94 -1.28
C VAL C 114 9.84 -3.04 -1.49
N GLY C 115 10.03 -3.89 -0.46
CA GLY C 115 10.79 -5.12 -0.57
C GLY C 115 9.94 -6.34 -0.87
N ASN C 116 9.86 -6.73 -2.14
CA ASN C 116 8.92 -7.76 -2.58
C ASN C 116 9.55 -9.17 -2.47
N LYS C 117 8.69 -10.18 -2.58
CA LYS C 117 9.06 -11.59 -2.63
C LYS C 117 9.61 -12.07 -1.29
N CYS C 118 9.04 -11.59 -0.19
CA CYS C 118 9.56 -11.91 1.13
C CYS C 118 9.06 -13.24 1.61
N ASP C 119 8.46 -14.01 0.71
CA ASP C 119 8.15 -15.42 0.89
C ASP C 119 9.30 -16.35 0.52
N LEU C 120 10.40 -15.82 -0.12
CA LEU C 120 11.57 -16.61 -0.57
C LEU C 120 12.66 -16.68 0.50
N PRO C 121 13.12 -17.88 0.86
CA PRO C 121 14.22 -17.99 1.84
C PRO C 121 15.56 -17.45 1.33
N SER C 122 15.84 -17.62 0.04
CA SER C 122 16.97 -16.99 -0.61
C SER C 122 16.97 -15.47 -0.50
N ARG C 123 17.41 -14.89 0.62
CA ARG C 123 17.40 -13.45 0.76
C ARG C 123 18.80 -12.87 0.71
N THR C 124 19.01 -11.84 -0.13
CA THR C 124 20.31 -11.23 -0.29
C THR C 124 20.35 -9.77 0.16
N VAL C 125 19.19 -9.16 0.36
CA VAL C 125 19.07 -7.79 0.85
C VAL C 125 18.36 -7.92 2.18
N ASP C 126 19.06 -7.66 3.28
CA ASP C 126 18.41 -7.88 4.56
C ASP C 126 17.59 -6.63 4.96
N THR C 127 16.80 -6.79 6.02
CA THR C 127 15.82 -5.75 6.37
C THR C 127 16.51 -4.44 6.72
N LYS C 128 17.57 -4.50 7.52
CA LYS C 128 18.24 -3.29 7.97
C LYS C 128 18.86 -2.52 6.82
N GLN C 129 19.36 -3.21 5.81
CA GLN C 129 19.89 -2.55 4.61
C GLN C 129 18.79 -1.81 3.86
N ALA C 130 17.63 -2.45 3.70
CA ALA C 130 16.49 -1.78 3.09
C ALA C 130 15.96 -0.65 3.97
N GLN C 131 15.85 -0.89 5.29
CA GLN C 131 15.38 0.12 6.23
C GLN C 131 16.31 1.32 6.27
N ASP C 132 17.62 1.09 6.09
CA ASP C 132 18.57 2.19 6.09
C ASP C 132 18.49 2.99 4.81
N LEU C 133 18.25 2.33 3.67
CA LEU C 133 18.06 3.12 2.45
C LEU C 133 16.82 3.99 2.57
N ALA C 134 15.70 3.38 3.01
CA ALA C 134 14.45 4.13 3.14
C ALA C 134 14.60 5.31 4.08
N ARG C 135 15.31 5.11 5.19
CA ARG C 135 15.56 6.20 6.14
C ARG C 135 16.46 7.28 5.54
N SER C 136 17.40 6.88 4.69
CA SER C 136 18.23 7.85 4.00
C SER C 136 17.40 8.70 3.03
N TYR C 137 16.40 8.10 2.40
CA TYR C 137 15.49 8.89 1.57
C TYR C 137 14.43 9.63 2.38
N GLY C 138 14.13 9.17 3.57
CA GLY C 138 13.06 9.75 4.36
C GLY C 138 11.68 9.23 4.06
N ILE C 139 11.55 7.97 3.64
CA ILE C 139 10.30 7.41 3.14
C ILE C 139 10.04 6.09 3.84
N PRO C 140 8.78 5.64 3.87
CA PRO C 140 8.47 4.38 4.53
C PRO C 140 8.96 3.18 3.74
N PHE C 141 9.12 2.08 4.46
CA PHE C 141 9.61 0.84 3.86
C PHE C 141 8.66 -0.29 4.20
N ILE C 142 8.22 -1.02 3.18
CA ILE C 142 7.28 -2.11 3.34
C ILE C 142 7.85 -3.36 2.70
N GLU C 143 7.82 -4.47 3.44
CA GLU C 143 8.18 -5.77 2.93
C GLU C 143 6.94 -6.51 2.47
N THR C 144 6.96 -6.97 1.22
CA THR C 144 5.74 -7.49 0.62
C THR C 144 6.00 -8.86 0.02
N SER C 145 4.90 -9.56 -0.18
CA SER C 145 4.89 -10.81 -0.93
C SER C 145 3.63 -10.80 -1.76
N ALA C 146 3.77 -10.60 -3.06
CA ALA C 146 2.65 -10.70 -3.98
C ALA C 146 2.01 -12.09 -3.95
N LYS C 147 2.78 -13.10 -3.55
CA LYS C 147 2.32 -14.49 -3.55
C LYS C 147 1.38 -14.78 -2.37
N THR C 148 1.78 -14.38 -1.15
CA THR C 148 0.99 -14.60 0.07
C THR C 148 0.09 -13.43 0.41
N ARG C 149 0.26 -12.29 -0.28
CA ARG C 149 -0.43 -11.01 -0.09
C ARG C 149 0.10 -10.26 1.13
N GLN C 150 1.06 -10.80 1.87
CA GLN C 150 1.61 -10.06 3.00
C GLN C 150 2.06 -8.69 2.55
N GLY C 151 1.61 -7.67 3.28
CA GLY C 151 1.99 -6.28 3.09
C GLY C 151 1.45 -5.59 1.85
N VAL C 152 0.74 -6.29 0.95
CA VAL C 152 0.35 -5.66 -0.32
C VAL C 152 -0.46 -4.39 -0.09
N ASP C 153 -1.55 -4.51 0.69
CA ASP C 153 -2.40 -3.35 0.98
C ASP C 153 -1.61 -2.27 1.71
N ASP C 154 -0.87 -2.67 2.75
CA ASP C 154 -0.09 -1.71 3.51
C ASP C 154 0.75 -0.82 2.59
N ALA C 155 1.40 -1.42 1.58
CA ALA C 155 2.31 -0.66 0.74
C ALA C 155 1.57 0.41 -0.05
N PHE C 156 0.45 0.05 -0.65
CA PHE C 156 -0.32 1.01 -1.44
C PHE C 156 -1.02 2.03 -0.56
N TYR C 157 -1.46 1.61 0.64
CA TYR C 157 -2.14 2.54 1.56
C TYR C 157 -1.17 3.53 2.18
N THR C 158 0.02 3.07 2.57
CA THR C 158 1.03 3.99 3.14
C THR C 158 1.35 5.06 2.12
N LEU C 159 1.37 4.69 0.84
CA LEU C 159 1.66 5.66 -0.22
C LEU C 159 0.56 6.71 -0.30
N VAL C 160 -0.70 6.26 -0.37
CA VAL C 160 -1.85 7.15 -0.22
C VAL C 160 -1.69 8.06 1.00
N ARG C 161 -1.34 7.47 2.16
CA ARG C 161 -1.11 8.26 3.38
C ARG C 161 0.05 9.26 3.21
N GLU C 162 1.15 8.85 2.56
CA GLU C 162 2.20 9.80 2.23
C GLU C 162 1.68 10.90 1.32
N ILE C 163 0.83 10.56 0.35
CA ILE C 163 0.31 11.57 -0.56
C ILE C 163 -0.54 12.58 0.19
N ARG C 164 -1.28 12.13 1.21
CA ARG C 164 -2.07 13.06 2.01
C ARG C 164 -1.16 14.05 2.76
N LYS C 165 -0.08 13.56 3.35
CA LYS C 165 0.85 14.44 4.06
C LYS C 165 1.39 15.52 3.14
N HIS C 166 1.80 15.12 1.93
CA HIS C 166 2.35 16.09 0.99
C HIS C 166 1.31 17.11 0.58
N LYS C 167 0.04 16.70 0.49
CA LYS C 167 -1.02 17.67 0.25
C LYS C 167 -1.20 18.61 1.43
N GLU C 168 -0.65 18.27 2.60
CA GLU C 168 -0.75 19.09 3.80
C GLU C 168 0.52 19.97 3.97
N MET D 1 21.65 -34.95 13.77
CA MET D 1 20.84 -33.98 14.49
C MET D 1 19.37 -34.40 14.55
N THR D 2 18.77 -34.26 15.73
CA THR D 2 17.39 -34.65 15.95
C THR D 2 16.42 -33.76 15.18
N GLU D 3 15.38 -34.36 14.61
CA GLU D 3 14.31 -33.63 13.95
C GLU D 3 12.99 -33.90 14.66
N TYR D 4 12.19 -32.85 14.87
CA TYR D 4 10.82 -32.98 15.37
C TYR D 4 9.86 -32.48 14.30
N LYS D 5 9.01 -33.37 13.76
CA LYS D 5 8.09 -33.03 12.68
C LYS D 5 6.73 -32.58 13.25
N LEU D 6 6.40 -31.30 13.05
CA LEU D 6 5.23 -30.68 13.65
C LEU D 6 4.19 -30.39 12.57
N VAL D 7 2.92 -30.47 12.95
CA VAL D 7 1.80 -30.17 12.08
C VAL D 7 0.91 -29.22 12.86
N VAL D 8 0.66 -28.04 12.29
CA VAL D 8 -0.17 -27.03 12.92
C VAL D 8 -1.56 -27.09 12.28
N VAL D 9 -2.58 -27.31 13.12
CA VAL D 9 -3.97 -27.42 12.69
C VAL D 9 -4.82 -26.48 13.52
N GLY D 10 -6.04 -26.27 13.06
CA GLY D 10 -6.97 -25.29 13.59
C GLY D 10 -7.83 -24.71 12.48
N ALA D 11 -8.93 -24.06 12.88
CA ALA D 11 -9.82 -23.42 11.92
C ALA D 11 -9.11 -22.30 11.16
N VAL D 12 -9.76 -21.77 10.13
CA VAL D 12 -9.12 -20.75 9.31
C VAL D 12 -9.12 -19.42 10.08
N GLY D 13 -8.02 -18.65 9.94
CA GLY D 13 -7.91 -17.38 10.63
C GLY D 13 -7.75 -17.45 12.14
N VAL D 14 -7.34 -18.61 12.68
CA VAL D 14 -7.01 -18.68 14.10
C VAL D 14 -5.58 -18.31 14.41
N GLY D 15 -4.74 -18.15 13.40
CA GLY D 15 -3.34 -17.82 13.60
C GLY D 15 -2.37 -18.94 13.32
N LYS D 16 -2.77 -19.98 12.57
CA LYS D 16 -1.84 -21.06 12.26
C LYS D 16 -0.60 -20.53 11.56
N SER D 17 -0.80 -19.79 10.47
CA SER D 17 0.31 -19.26 9.68
C SER D 17 1.07 -18.16 10.43
N ALA D 18 0.37 -17.34 11.22
CA ALA D 18 1.08 -16.27 11.90
C ALA D 18 1.98 -16.82 13.01
N LEU D 19 1.52 -17.87 13.70
CA LEU D 19 2.29 -18.50 14.77
C LEU D 19 3.52 -19.21 14.21
N THR D 20 3.38 -19.84 13.04
CA THR D 20 4.50 -20.56 12.45
C THR D 20 5.56 -19.59 11.96
N ILE D 21 5.16 -18.58 11.17
CA ILE D 21 6.10 -17.58 10.67
C ILE D 21 6.75 -16.80 11.81
N GLN D 22 6.00 -16.50 12.87
CA GLN D 22 6.60 -15.85 14.03
C GLN D 22 7.63 -16.77 14.71
N LEU D 23 7.38 -18.07 14.71
CA LEU D 23 8.37 -18.98 15.30
C LEU D 23 9.57 -19.12 14.37
N ILE D 24 9.30 -19.30 13.09
CA ILE D 24 10.34 -19.55 12.12
C ILE D 24 11.12 -18.27 11.83
N GLN D 25 10.43 -17.19 11.48
CA GLN D 25 11.03 -16.00 10.91
C GLN D 25 11.04 -14.79 11.85
N ASN D 26 10.46 -14.90 13.04
CA ASN D 26 10.47 -13.87 14.07
C ASN D 26 9.96 -12.52 13.53
N HIS D 27 8.74 -12.56 12.99
CA HIS D 27 8.04 -11.33 12.60
C HIS D 27 6.56 -11.67 12.44
N PHE D 28 5.71 -10.67 12.66
CA PHE D 28 4.26 -10.84 12.67
C PHE D 28 3.69 -10.50 11.30
N VAL D 29 3.11 -11.50 10.63
CA VAL D 29 2.55 -11.30 9.28
C VAL D 29 1.15 -10.71 9.43
N ASP D 30 0.92 -9.59 8.75
CA ASP D 30 -0.38 -8.93 8.88
C ASP D 30 -1.43 -9.66 8.05
N GLU D 31 -1.11 -10.00 6.82
CA GLU D 31 -1.98 -10.79 5.96
C GLU D 31 -1.16 -11.93 5.39
N TYR D 32 -1.72 -13.15 5.44
CA TYR D 32 -1.12 -14.34 4.88
C TYR D 32 -2.24 -15.22 4.34
N ASP D 33 -2.32 -15.37 3.01
CA ASP D 33 -3.26 -16.18 2.27
C ASP D 33 -3.66 -17.44 3.05
N PRO D 34 -4.91 -17.50 3.52
CA PRO D 34 -5.37 -18.67 4.27
C PRO D 34 -5.38 -19.98 3.48
N THR D 35 -5.32 -19.95 2.15
CA THR D 35 -5.30 -21.16 1.34
C THR D 35 -3.89 -21.66 1.05
N ILE D 36 -2.85 -20.95 1.47
CA ILE D 36 -1.48 -21.41 1.24
C ILE D 36 -1.08 -22.40 2.32
N GLU D 37 -0.76 -23.60 1.90
CA GLU D 37 -0.21 -24.62 2.77
C GLU D 37 1.25 -24.84 2.39
N ASP D 38 2.12 -24.82 3.40
CA ASP D 38 3.55 -24.99 3.15
C ASP D 38 4.21 -25.55 4.40
N SER D 39 5.45 -26.01 4.22
CA SER D 39 6.29 -26.49 5.29
C SER D 39 7.36 -25.45 5.62
N TYR D 40 7.78 -25.45 6.88
CA TYR D 40 8.85 -24.59 7.37
C TYR D 40 9.78 -25.44 8.21
N ARG D 41 11.10 -25.23 8.05
CA ARG D 41 12.12 -25.93 8.82
C ARG D 41 13.15 -24.93 9.33
N LYS D 42 13.57 -25.03 10.60
CA LYS D 42 14.65 -24.23 11.16
C LYS D 42 15.39 -25.00 12.27
N GLN D 43 16.69 -24.71 12.39
CA GLN D 43 17.55 -25.26 13.43
C GLN D 43 17.43 -24.39 14.69
N VAL D 44 17.16 -25.03 15.83
CA VAL D 44 16.89 -24.33 17.07
C VAL D 44 17.60 -25.07 18.20
N VAL D 45 17.49 -24.49 19.40
CA VAL D 45 17.99 -25.07 20.65
C VAL D 45 16.83 -25.09 21.63
N ILE D 46 16.48 -26.28 22.11
CA ILE D 46 15.38 -26.49 23.05
C ILE D 46 15.96 -27.27 24.24
N ASP D 47 16.01 -26.62 25.40
CA ASP D 47 16.60 -27.22 26.61
C ASP D 47 18.03 -27.68 26.37
N GLY D 48 18.83 -26.81 25.75
CA GLY D 48 20.21 -27.15 25.44
C GLY D 48 20.40 -28.13 24.29
N GLU D 49 19.34 -28.56 23.60
CA GLU D 49 19.47 -29.49 22.49
C GLU D 49 19.30 -28.77 21.17
N THR D 50 20.37 -28.73 20.37
CA THR D 50 20.28 -28.32 18.98
C THR D 50 19.46 -29.34 18.22
N CYS D 51 18.41 -28.88 17.54
CA CYS D 51 17.54 -29.77 16.81
C CYS D 51 16.92 -29.03 15.63
N LEU D 52 16.32 -29.79 14.73
CA LEU D 52 15.67 -29.27 13.53
C LEU D 52 14.16 -29.34 13.73
N LEU D 53 13.49 -28.21 13.57
CA LEU D 53 12.03 -28.19 13.54
C LEU D 53 11.59 -28.31 12.08
N ASP D 54 10.68 -29.22 11.82
CA ASP D 54 10.16 -29.44 10.48
C ASP D 54 8.65 -29.40 10.58
N ILE D 55 8.05 -28.27 10.22
CA ILE D 55 6.67 -27.94 10.55
C ILE D 55 5.81 -27.93 9.29
N LEU D 56 4.54 -28.29 9.43
CA LEU D 56 3.56 -28.15 8.35
C LEU D 56 2.48 -27.20 8.81
N ASP D 57 2.35 -26.07 8.11
CA ASP D 57 1.30 -25.11 8.39
C ASP D 57 0.14 -25.46 7.48
N THR D 58 -0.83 -26.22 8.01
CA THR D 58 -1.90 -26.73 7.15
C THR D 58 -2.90 -25.62 6.83
N ALA D 59 -3.58 -25.78 5.70
CA ALA D 59 -4.57 -24.82 5.26
C ALA D 59 -5.90 -25.43 4.85
N GLY D 60 -6.05 -26.76 4.94
CA GLY D 60 -7.33 -27.41 4.79
C GLY D 60 -7.91 -27.45 3.39
N GLN D 61 -7.08 -27.30 2.36
CA GLN D 61 -7.58 -27.25 1.00
C GLN D 61 -7.77 -28.66 0.42
N GLU D 62 -8.54 -28.72 -0.67
CA GLU D 62 -8.97 -30.01 -1.22
C GLU D 62 -7.88 -30.66 -2.06
N GLU D 63 -7.13 -29.89 -2.85
CA GLU D 63 -6.27 -30.50 -3.87
C GLU D 63 -5.17 -31.35 -3.24
N TYR D 64 -4.95 -32.53 -3.83
CA TYR D 64 -4.03 -33.51 -3.27
C TYR D 64 -2.60 -32.98 -3.15
N SER D 65 -1.92 -33.38 -2.07
CA SER D 65 -0.52 -33.03 -1.82
C SER D 65 0.15 -34.24 -1.16
N ALA D 66 1.12 -34.84 -1.85
CA ALA D 66 1.82 -36.00 -1.27
C ALA D 66 2.47 -35.63 0.06
N MET D 67 3.08 -34.44 0.13
CA MET D 67 3.72 -33.93 1.34
C MET D 67 2.72 -33.85 2.49
N ARG D 68 1.52 -33.31 2.25
CA ARG D 68 0.50 -33.28 3.29
C ARG D 68 0.33 -34.66 3.92
N ASP D 69 0.19 -35.68 3.06
CA ASP D 69 0.03 -37.05 3.55
C ASP D 69 1.28 -37.53 4.29
N GLN D 70 2.48 -37.21 3.79
CA GLN D 70 3.68 -37.56 4.54
C GLN D 70 3.66 -36.94 5.94
N TYR D 71 3.18 -35.69 6.04
CA TYR D 71 3.20 -35.00 7.33
C TYR D 71 2.16 -35.57 8.28
N MET D 72 1.03 -36.04 7.77
CA MET D 72 0.03 -36.67 8.63
C MET D 72 0.43 -38.10 9.00
N ARG D 73 1.07 -38.81 8.07
CA ARG D 73 1.46 -40.19 8.32
C ARG D 73 2.67 -40.29 9.25
N THR D 74 3.51 -39.25 9.26
CA THR D 74 4.76 -39.28 10.01
C THR D 74 4.99 -38.08 10.90
N GLY D 75 4.14 -37.06 10.85
CA GLY D 75 4.20 -36.00 11.84
C GLY D 75 4.13 -36.60 13.24
N GLU D 76 4.90 -36.04 14.16
CA GLU D 76 5.09 -36.63 15.48
C GLU D 76 4.28 -35.93 16.56
N GLY D 77 3.88 -34.69 16.34
CA GLY D 77 3.08 -33.94 17.29
C GLY D 77 2.33 -32.85 16.56
N PHE D 78 1.28 -32.37 17.21
CA PHE D 78 0.33 -31.48 16.57
C PHE D 78 -0.03 -30.32 17.48
N LEU D 79 -0.12 -29.12 16.93
CA LEU D 79 -0.71 -27.98 17.64
C LEU D 79 -2.12 -27.80 17.13
N CYS D 80 -3.09 -27.93 18.02
CA CYS D 80 -4.49 -27.62 17.73
C CYS D 80 -4.76 -26.21 18.20
N VAL D 81 -4.86 -25.28 17.25
CA VAL D 81 -4.92 -23.85 17.50
C VAL D 81 -6.37 -23.37 17.36
N PHE D 82 -6.84 -22.61 18.35
CA PHE D 82 -8.04 -21.79 18.25
C PHE D 82 -7.69 -20.37 18.68
N ALA D 83 -8.64 -19.44 18.48
CA ALA D 83 -8.47 -18.05 18.86
C ALA D 83 -9.47 -17.67 19.96
N ILE D 84 -8.98 -16.92 20.95
CA ILE D 84 -9.76 -16.66 22.14
C ILE D 84 -10.86 -15.64 21.92
N ASN D 85 -10.81 -14.92 20.78
CA ASN D 85 -11.90 -14.07 20.34
C ASN D 85 -12.78 -14.77 19.29
N ASN D 86 -12.78 -16.12 19.29
CA ASN D 86 -13.45 -16.85 18.21
C ASN D 86 -14.01 -18.15 18.80
N THR D 87 -15.20 -18.02 19.40
CA THR D 87 -15.94 -19.15 19.96
C THR D 87 -16.06 -20.32 18.99
N LYS D 88 -16.40 -20.01 17.72
CA LYS D 88 -16.51 -21.05 16.69
C LYS D 88 -15.21 -21.84 16.53
N SER D 89 -14.07 -21.15 16.51
CA SER D 89 -12.81 -21.85 16.34
C SER D 89 -12.56 -22.84 17.48
N PHE D 90 -12.87 -22.44 18.71
CA PHE D 90 -12.75 -23.36 19.84
C PHE D 90 -13.68 -24.57 19.67
N GLU D 91 -14.91 -24.33 19.20
CA GLU D 91 -15.86 -25.43 19.03
C GLU D 91 -15.37 -26.41 17.97
N ASP D 92 -14.61 -25.93 16.99
CA ASP D 92 -14.04 -26.76 15.94
C ASP D 92 -12.88 -27.63 16.42
N ILE D 93 -12.32 -27.36 17.61
CA ILE D 93 -11.11 -28.06 18.04
C ILE D 93 -11.33 -29.58 18.01
N HIS D 94 -12.45 -30.05 18.55
CA HIS D 94 -12.69 -31.49 18.66
C HIS D 94 -12.47 -32.22 17.33
N HIS D 95 -13.04 -31.68 16.25
CA HIS D 95 -12.94 -32.28 14.91
C HIS D 95 -11.48 -32.52 14.49
N TYR D 96 -10.58 -31.58 14.76
CA TYR D 96 -9.18 -31.76 14.41
C TYR D 96 -8.50 -32.79 15.32
N ARG D 97 -8.78 -32.74 16.62
CA ARG D 97 -8.30 -33.78 17.52
C ARG D 97 -8.81 -35.15 17.08
N GLU D 98 -10.07 -35.22 16.66
CA GLU D 98 -10.66 -36.48 16.23
C GLU D 98 -9.98 -37.01 14.98
N GLN D 99 -9.75 -36.15 14.00
CA GLN D 99 -8.98 -36.49 12.81
C GLN D 99 -7.61 -37.05 13.19
N ILE D 100 -6.91 -36.36 14.09
CA ILE D 100 -5.57 -36.76 14.51
C ILE D 100 -5.60 -38.14 15.16
N LYS D 101 -6.61 -38.40 15.98
CA LYS D 101 -6.80 -39.76 16.51
C LYS D 101 -6.83 -40.79 15.39
N ARG D 102 -7.54 -40.49 14.30
CA ARG D 102 -7.66 -41.47 13.23
C ARG D 102 -6.35 -41.67 12.48
N VAL D 103 -5.59 -40.60 12.25
CA VAL D 103 -4.39 -40.71 11.41
C VAL D 103 -3.37 -41.63 12.06
N LYS D 104 -3.32 -41.66 13.39
CA LYS D 104 -2.37 -42.50 14.11
C LYS D 104 -3.02 -43.69 14.77
N ASP D 105 -4.36 -43.80 14.73
CA ASP D 105 -5.14 -44.80 15.45
C ASP D 105 -4.58 -44.99 16.86
N SER D 106 -4.43 -43.87 17.56
CA SER D 106 -3.91 -43.88 18.90
C SER D 106 -4.57 -42.75 19.69
N GLU D 107 -4.81 -43.01 20.96
CA GLU D 107 -5.22 -41.97 21.89
C GLU D 107 -4.03 -41.26 22.52
N ASP D 108 -2.81 -41.69 22.17
CA ASP D 108 -1.58 -41.21 22.78
C ASP D 108 -0.69 -40.52 21.75
N VAL D 109 -1.19 -39.43 21.17
CA VAL D 109 -0.47 -38.66 20.16
C VAL D 109 0.00 -37.35 20.80
N PRO D 110 1.29 -37.03 20.74
CA PRO D 110 1.77 -35.75 21.29
C PRO D 110 0.98 -34.56 20.75
N MET D 111 0.45 -33.76 21.66
CA MET D 111 -0.46 -32.71 21.23
C MET D 111 -0.40 -31.54 22.18
N VAL D 112 -0.66 -30.36 21.64
CA VAL D 112 -0.76 -29.16 22.46
C VAL D 112 -1.97 -28.36 22.00
N LEU D 113 -2.84 -27.99 22.95
CA LEU D 113 -3.94 -27.07 22.71
C LEU D 113 -3.46 -25.62 22.86
N VAL D 114 -3.64 -24.83 21.81
CA VAL D 114 -3.14 -23.46 21.74
C VAL D 114 -4.34 -22.51 21.67
N GLY D 115 -4.44 -21.61 22.64
CA GLY D 115 -5.35 -20.49 22.52
C GLY D 115 -4.61 -19.24 22.05
N ASN D 116 -4.80 -18.88 20.78
CA ASN D 116 -4.06 -17.80 20.16
C ASN D 116 -4.84 -16.49 20.23
N LYS D 117 -4.12 -15.39 19.91
CA LYS D 117 -4.64 -14.02 19.91
C LYS D 117 -4.94 -13.54 21.33
N CYS D 118 -4.12 -13.96 22.29
CA CYS D 118 -4.36 -13.54 23.68
C CYS D 118 -4.09 -12.07 23.93
N ASP D 119 -3.41 -11.37 23.02
CA ASP D 119 -3.26 -9.92 23.10
C ASP D 119 -4.59 -9.19 22.99
N LEU D 120 -5.64 -9.85 22.50
CA LEU D 120 -6.83 -9.09 22.15
C LEU D 120 -7.78 -8.92 23.34
N PRO D 121 -8.42 -7.77 23.48
CA PRO D 121 -9.38 -7.60 24.60
C PRO D 121 -10.61 -8.49 24.52
N SER D 122 -11.20 -8.64 23.33
CA SER D 122 -12.54 -9.19 23.16
C SER D 122 -12.59 -10.72 23.29
N ARG D 123 -12.16 -11.21 24.45
CA ARG D 123 -12.08 -12.65 24.68
C ARG D 123 -13.46 -13.25 24.92
N THR D 124 -13.72 -14.41 24.32
CA THR D 124 -14.98 -15.12 24.53
C THR D 124 -14.80 -16.56 24.92
N VAL D 125 -13.60 -17.11 24.78
CA VAL D 125 -13.25 -18.43 25.31
C VAL D 125 -12.33 -18.16 26.49
N ASP D 126 -12.79 -18.46 27.70
CA ASP D 126 -11.96 -18.10 28.84
C ASP D 126 -10.92 -19.18 29.12
N THR D 127 -9.93 -18.83 29.93
CA THR D 127 -8.85 -19.76 30.27
C THR D 127 -9.39 -21.06 30.83
N LYS D 128 -10.30 -20.97 31.80
CA LYS D 128 -10.73 -22.16 32.54
C LYS D 128 -11.34 -23.19 31.60
N GLN D 129 -12.29 -22.77 30.78
CA GLN D 129 -12.95 -23.71 29.89
C GLN D 129 -11.98 -24.26 28.84
N ALA D 130 -10.95 -23.49 28.47
CA ALA D 130 -9.89 -24.04 27.65
C ALA D 130 -9.11 -25.09 28.41
N GLN D 131 -8.74 -24.79 29.65
CA GLN D 131 -8.06 -25.77 30.51
C GLN D 131 -8.93 -27.01 30.71
N ASP D 132 -10.25 -26.82 30.84
CA ASP D 132 -11.14 -27.97 30.99
C ASP D 132 -11.06 -28.87 29.78
N LEU D 133 -11.01 -28.28 28.58
CA LEU D 133 -10.91 -29.09 27.37
C LEU D 133 -9.58 -29.84 27.33
N ALA D 134 -8.47 -29.14 27.58
CA ALA D 134 -7.16 -29.77 27.53
C ALA D 134 -7.00 -30.84 28.61
N ARG D 135 -7.60 -30.64 29.79
CA ARG D 135 -7.50 -31.67 30.83
C ARG D 135 -8.40 -32.86 30.53
N SER D 136 -9.39 -32.69 29.67
CA SER D 136 -10.19 -33.82 29.19
C SER D 136 -9.41 -34.65 28.18
N TYR D 137 -8.60 -34.00 27.35
CA TYR D 137 -7.75 -34.70 26.39
C TYR D 137 -6.50 -35.30 27.03
N GLY D 138 -6.04 -34.75 28.15
CA GLY D 138 -4.79 -35.16 28.73
C GLY D 138 -3.57 -34.43 28.18
N ILE D 139 -3.76 -33.27 27.55
CA ILE D 139 -2.70 -32.57 26.84
C ILE D 139 -2.55 -31.20 27.46
N PRO D 140 -1.39 -30.56 27.31
CA PRO D 140 -1.22 -29.20 27.84
C PRO D 140 -1.93 -28.12 27.01
N PHE D 141 -2.27 -27.03 27.69
CA PHE D 141 -2.91 -25.86 27.06
C PHE D 141 -2.03 -24.64 27.30
N ILE D 142 -1.86 -23.86 26.25
CA ILE D 142 -0.90 -22.77 26.19
C ILE D 142 -1.55 -21.61 25.47
N GLU D 143 -1.47 -20.42 26.07
CA GLU D 143 -2.02 -19.22 25.48
C GLU D 143 -0.93 -18.48 24.73
N THR D 144 -1.23 -18.04 23.51
CA THR D 144 -0.23 -17.44 22.63
C THR D 144 -0.74 -16.13 22.05
N SER D 145 0.20 -15.39 21.48
CA SER D 145 -0.07 -14.22 20.68
C SER D 145 1.03 -14.15 19.62
N ALA D 146 0.68 -14.44 18.37
CA ALA D 146 1.63 -14.24 17.26
C ALA D 146 2.05 -12.78 17.15
N LYS D 147 1.22 -11.85 17.62
CA LYS D 147 1.51 -10.42 17.53
C LYS D 147 2.68 -10.03 18.41
N THR D 148 2.51 -10.16 19.74
CA THR D 148 3.52 -9.83 20.72
C THR D 148 4.51 -10.96 20.97
N ARG D 149 4.32 -12.11 20.34
CA ARG D 149 5.17 -13.30 20.43
C ARG D 149 5.01 -14.03 21.76
N GLN D 150 4.07 -13.62 22.60
CA GLN D 150 3.86 -14.27 23.88
C GLN D 150 3.47 -15.73 23.70
N GLY D 151 4.21 -16.65 24.31
CA GLY D 151 3.90 -18.07 24.25
C GLY D 151 4.18 -18.76 22.93
N VAL D 152 4.70 -18.04 21.93
CA VAL D 152 5.02 -18.66 20.63
C VAL D 152 6.08 -19.75 20.77
N ASP D 153 7.21 -19.43 21.42
CA ASP D 153 8.26 -20.43 21.60
C ASP D 153 7.82 -21.53 22.54
N ASP D 154 7.12 -21.16 23.61
CA ASP D 154 6.63 -22.13 24.59
C ASP D 154 5.72 -23.17 23.95
N ALA D 155 4.74 -22.73 23.15
CA ALA D 155 3.77 -23.65 22.59
C ALA D 155 4.44 -24.73 21.75
N PHE D 156 5.31 -24.30 20.83
CA PHE D 156 6.01 -25.25 19.98
C PHE D 156 7.00 -26.08 20.78
N TYR D 157 7.72 -25.44 21.73
CA TYR D 157 8.73 -26.19 22.49
C TYR D 157 8.08 -27.14 23.47
N THR D 158 6.92 -26.77 24.04
CA THR D 158 6.18 -27.72 24.86
C THR D 158 5.76 -28.92 24.04
N LEU D 159 5.42 -28.69 22.76
CA LEU D 159 5.08 -29.80 21.90
C LEU D 159 6.27 -30.71 21.70
N VAL D 160 7.46 -30.12 21.52
CA VAL D 160 8.68 -30.91 21.38
C VAL D 160 8.89 -31.77 22.61
N ARG D 161 8.70 -31.18 23.80
CA ARG D 161 8.85 -31.93 25.05
C ARG D 161 7.84 -33.07 25.13
N GLU D 162 6.59 -32.83 24.70
CA GLU D 162 5.60 -33.90 24.66
C GLU D 162 6.03 -35.02 23.72
N ILE D 163 6.72 -34.68 22.62
CA ILE D 163 7.28 -35.67 21.72
C ILE D 163 8.41 -36.45 22.39
N ARG D 164 9.21 -35.79 23.22
CA ARG D 164 10.27 -36.48 23.94
C ARG D 164 9.69 -37.53 24.89
N LYS D 165 8.73 -37.13 25.72
CA LYS D 165 8.09 -38.08 26.62
C LYS D 165 7.46 -39.25 25.86
N HIS D 166 6.88 -38.98 24.71
CA HIS D 166 6.27 -40.04 23.92
C HIS D 166 7.28 -41.05 23.37
N LYS D 167 8.55 -40.67 23.22
CA LYS D 167 9.48 -41.45 22.40
C LYS D 167 9.87 -42.79 23.02
N GLU D 168 9.08 -43.27 23.97
CA GLU D 168 9.36 -44.54 24.65
C GLU D 168 8.07 -45.35 24.81
N MET E 1 1.95 8.38 -25.94
CA MET E 1 3.36 8.70 -25.76
C MET E 1 3.68 10.11 -26.20
N THR E 2 4.22 10.91 -25.29
CA THR E 2 4.53 12.29 -25.60
C THR E 2 5.66 12.39 -26.62
N GLU E 3 5.47 13.30 -27.58
CA GLU E 3 6.50 13.68 -28.55
C GLU E 3 7.06 15.05 -28.19
N TYR E 4 8.38 15.17 -28.25
CA TYR E 4 9.06 16.44 -28.03
C TYR E 4 9.72 16.84 -29.34
N LYS E 5 9.28 17.95 -29.91
CA LYS E 5 9.84 18.47 -31.16
C LYS E 5 10.93 19.48 -30.82
N LEU E 6 12.18 19.11 -31.08
CA LEU E 6 13.33 19.91 -30.74
C LEU E 6 13.98 20.45 -32.02
N VAL E 7 14.64 21.60 -31.89
CA VAL E 7 15.35 22.23 -33.00
C VAL E 7 16.71 22.65 -32.48
N VAL E 8 17.78 22.21 -33.15
CA VAL E 8 19.14 22.59 -32.80
C VAL E 8 19.56 23.71 -33.74
N VAL E 9 19.96 24.86 -33.19
CA VAL E 9 20.48 25.97 -33.97
C VAL E 9 21.87 26.34 -33.47
N GLY E 10 22.51 27.27 -34.18
CA GLY E 10 23.87 27.68 -33.92
C GLY E 10 24.68 27.87 -35.20
N ALA E 11 25.82 28.57 -35.06
CA ALA E 11 26.69 28.95 -36.17
C ALA E 11 27.25 27.73 -36.89
N VAL E 12 27.75 27.92 -38.10
CA VAL E 12 28.15 26.73 -38.84
C VAL E 12 29.46 26.20 -38.27
N GLY E 13 29.53 24.87 -38.12
CA GLY E 13 30.68 24.18 -37.59
C GLY E 13 30.79 24.11 -36.08
N VAL E 14 29.71 24.41 -35.33
CA VAL E 14 29.75 24.31 -33.87
C VAL E 14 29.43 22.91 -33.34
N GLY E 15 28.84 22.06 -34.17
CA GLY E 15 28.62 20.69 -33.76
C GLY E 15 27.14 20.35 -33.70
N LYS E 16 26.31 21.19 -34.32
CA LYS E 16 24.87 20.89 -34.41
C LYS E 16 24.66 19.46 -34.85
N SER E 17 25.30 19.08 -35.97
CA SER E 17 25.14 17.75 -36.56
C SER E 17 25.82 16.68 -35.72
N ALA E 18 27.04 16.94 -35.26
CA ALA E 18 27.73 15.96 -34.42
C ALA E 18 26.95 15.69 -33.14
N LEU E 19 26.39 16.74 -32.55
CA LEU E 19 25.61 16.59 -31.32
C LEU E 19 24.36 15.72 -31.56
N THR E 20 23.61 16.01 -32.62
CA THR E 20 22.40 15.25 -32.93
C THR E 20 22.71 13.80 -33.26
N ILE E 21 23.68 13.56 -34.16
CA ILE E 21 24.02 12.19 -34.56
C ILE E 21 24.60 11.39 -33.39
N GLN E 22 25.34 12.05 -32.49
CA GLN E 22 25.77 11.36 -31.29
C GLN E 22 24.59 11.08 -30.35
N LEU E 23 23.59 11.97 -30.29
CA LEU E 23 22.41 11.66 -29.47
C LEU E 23 21.61 10.53 -30.09
N ILE E 24 21.42 10.57 -31.41
CA ILE E 24 20.51 9.68 -32.12
C ILE E 24 21.13 8.31 -32.36
N GLN E 25 22.41 8.29 -32.79
CA GLN E 25 23.11 7.10 -33.25
C GLN E 25 24.36 6.75 -32.43
N ASN E 26 24.60 7.46 -31.32
CA ASN E 26 25.68 7.14 -30.38
C ASN E 26 27.01 6.87 -31.08
N HIS E 27 27.39 7.80 -31.96
CA HIS E 27 28.73 7.81 -32.54
C HIS E 27 29.05 9.21 -33.02
N PHE E 28 30.34 9.43 -33.29
CA PHE E 28 30.89 10.74 -33.58
C PHE E 28 31.24 10.79 -35.06
N VAL E 29 30.65 11.75 -35.78
CA VAL E 29 30.90 11.93 -37.20
C VAL E 29 32.10 12.82 -37.38
N ASP E 30 33.12 12.31 -38.10
CA ASP E 30 34.31 13.13 -38.32
C ASP E 30 34.03 14.29 -39.27
N GLU E 31 33.19 14.07 -40.30
CA GLU E 31 32.79 15.13 -41.21
C GLU E 31 31.35 14.92 -41.66
N TYR E 32 30.50 15.90 -41.40
CA TYR E 32 29.10 15.89 -41.82
C TYR E 32 28.82 17.22 -42.52
N ASP E 33 28.39 17.15 -43.79
CA ASP E 33 28.13 18.30 -44.66
C ASP E 33 27.42 19.43 -43.93
N PRO E 34 28.05 20.62 -43.85
CA PRO E 34 27.40 21.76 -43.15
C PRO E 34 26.09 22.21 -43.77
N THR E 35 25.87 21.94 -45.06
CA THR E 35 24.70 22.44 -45.79
C THR E 35 23.55 21.45 -45.79
N ILE E 36 23.70 20.29 -45.14
CA ILE E 36 22.62 19.31 -45.04
C ILE E 36 21.82 19.60 -43.78
N GLU E 37 20.59 20.07 -43.97
CA GLU E 37 19.60 20.17 -42.92
C GLU E 37 18.69 18.94 -42.99
N ASP E 38 18.50 18.28 -41.85
CA ASP E 38 17.63 17.11 -41.83
C ASP E 38 17.11 16.91 -40.41
N SER E 39 16.05 16.09 -40.31
CA SER E 39 15.41 15.77 -39.05
C SER E 39 15.72 14.33 -38.65
N TYR E 40 15.54 14.05 -37.36
CA TYR E 40 15.93 12.78 -36.75
C TYR E 40 14.95 12.44 -35.64
N ARG E 41 14.56 11.18 -35.56
CA ARG E 41 13.67 10.74 -34.50
C ARG E 41 14.27 9.57 -33.74
N LYS E 42 13.95 9.49 -32.45
CA LYS E 42 14.46 8.47 -31.56
C LYS E 42 13.48 8.27 -30.41
N GLN E 43 13.17 7.00 -30.13
CA GLN E 43 12.44 6.63 -28.93
C GLN E 43 13.42 6.51 -27.77
N VAL E 44 13.12 7.19 -26.66
CA VAL E 44 14.01 7.25 -25.52
C VAL E 44 13.20 7.16 -24.23
N VAL E 45 13.91 7.05 -23.11
CA VAL E 45 13.35 7.25 -21.78
C VAL E 45 14.09 8.40 -21.13
N ILE E 46 13.34 9.36 -20.60
CA ILE E 46 13.88 10.53 -19.92
C ILE E 46 13.15 10.58 -18.59
N ASP E 47 13.86 10.30 -17.50
CA ASP E 47 13.26 10.31 -16.16
C ASP E 47 12.11 9.32 -16.08
N GLY E 48 12.37 8.08 -16.48
CA GLY E 48 11.33 7.06 -16.47
C GLY E 48 10.14 7.38 -17.35
N GLU E 49 10.34 8.20 -18.38
CA GLU E 49 9.28 8.51 -19.32
C GLU E 49 9.69 8.02 -20.70
N THR E 50 8.97 7.06 -21.24
CA THR E 50 9.28 6.58 -22.59
C THR E 50 8.57 7.55 -23.52
N CYS E 51 9.35 8.30 -24.31
CA CYS E 51 8.83 9.35 -25.16
C CYS E 51 9.55 9.31 -26.50
N LEU E 52 9.15 10.21 -27.40
CA LEU E 52 9.73 10.30 -28.73
C LEU E 52 10.38 11.66 -28.93
N LEU E 53 11.61 11.64 -29.41
CA LEU E 53 12.30 12.85 -29.80
C LEU E 53 12.21 12.99 -31.32
N ASP E 54 12.03 14.23 -31.77
CA ASP E 54 11.95 14.54 -33.19
C ASP E 54 12.71 15.85 -33.35
N ILE E 55 13.94 15.75 -33.86
CA ILE E 55 14.93 16.82 -33.83
C ILE E 55 15.19 17.28 -35.25
N LEU E 56 15.22 18.60 -35.44
CA LEU E 56 15.67 19.20 -36.70
C LEU E 56 17.08 19.71 -36.51
N ASP E 57 18.03 19.11 -37.24
CA ASP E 57 19.39 19.61 -37.35
C ASP E 57 19.40 20.67 -38.46
N THR E 58 19.37 21.96 -38.09
CA THR E 58 19.30 23.03 -39.07
C THR E 58 20.68 23.36 -39.66
N ALA E 59 20.68 23.89 -40.88
CA ALA E 59 21.93 24.23 -41.56
C ALA E 59 21.96 25.65 -42.14
N GLY E 60 20.89 26.43 -41.99
CA GLY E 60 20.91 27.83 -42.39
C GLY E 60 20.94 28.10 -43.88
N GLN E 61 20.52 27.13 -44.69
CA GLN E 61 20.67 27.20 -46.14
C GLN E 61 19.50 27.91 -46.80
N GLU E 62 19.75 28.38 -48.03
CA GLU E 62 18.86 29.33 -48.69
C GLU E 62 17.59 28.67 -49.21
N GLU E 63 17.68 27.47 -49.77
CA GLU E 63 16.53 26.86 -50.43
C GLU E 63 15.35 26.75 -49.46
N TYR E 64 14.15 27.04 -49.96
CA TYR E 64 12.97 26.97 -49.11
C TYR E 64 12.65 25.52 -48.75
N SER E 65 12.19 25.32 -47.52
CA SER E 65 11.95 23.98 -46.98
C SER E 65 10.78 24.08 -46.00
N ALA E 66 9.59 23.71 -46.49
CA ALA E 66 8.35 23.89 -45.72
C ALA E 66 8.43 23.22 -44.35
N MET E 67 9.27 22.18 -44.20
CA MET E 67 9.41 21.51 -42.91
C MET E 67 10.18 22.34 -41.90
N ARG E 68 11.23 23.04 -42.35
CA ARG E 68 11.90 23.97 -41.45
C ARG E 68 10.90 24.96 -40.89
N ASP E 69 10.11 25.59 -41.78
CA ASP E 69 9.00 26.44 -41.35
C ASP E 69 8.12 25.70 -40.37
N GLN E 70 7.78 24.45 -40.70
CA GLN E 70 6.93 23.63 -39.84
C GLN E 70 7.61 23.33 -38.50
N TYR E 71 8.93 23.09 -38.50
CA TYR E 71 9.67 22.89 -37.25
C TYR E 71 9.80 24.16 -36.44
N MET E 72 9.87 25.33 -37.09
CA MET E 72 9.91 26.58 -36.34
C MET E 72 8.52 26.95 -35.81
N ARG E 73 7.48 26.71 -36.62
CA ARG E 73 6.12 26.98 -36.19
C ARG E 73 5.75 26.14 -34.98
N THR E 74 5.92 24.82 -35.07
CA THR E 74 5.44 23.88 -34.06
C THR E 74 6.54 23.40 -33.10
N GLY E 75 7.81 23.61 -33.40
CA GLY E 75 8.87 23.19 -32.50
C GLY E 75 8.80 23.89 -31.17
N GLU E 76 9.04 23.14 -30.09
CA GLU E 76 8.71 23.54 -28.73
C GLU E 76 9.91 23.97 -27.90
N GLY E 77 11.11 23.55 -28.30
CA GLY E 77 12.32 23.87 -27.55
C GLY E 77 13.51 23.84 -28.47
N PHE E 78 14.56 24.56 -28.08
CA PHE E 78 15.67 24.84 -28.98
C PHE E 78 16.99 24.67 -28.24
N LEU E 79 17.95 24.01 -28.88
CA LEU E 79 19.34 24.02 -28.43
C LEU E 79 20.09 25.13 -29.15
N CYS E 80 20.62 26.09 -28.40
CA CYS E 80 21.48 27.13 -29.00
C CYS E 80 22.93 26.83 -28.68
N VAL E 81 23.67 26.34 -29.70
CA VAL E 81 24.96 25.68 -29.58
C VAL E 81 26.06 26.63 -30.07
N PHE E 82 27.12 26.77 -29.26
CA PHE E 82 28.36 27.39 -29.69
C PHE E 82 29.51 26.46 -29.31
N ALA E 83 30.66 26.68 -29.95
CA ALA E 83 31.89 25.98 -29.64
C ALA E 83 32.73 26.82 -28.67
N ILE E 84 33.22 26.17 -27.61
CA ILE E 84 33.99 26.86 -26.59
C ILE E 84 35.32 27.36 -27.12
N ASN E 85 35.78 26.82 -28.26
CA ASN E 85 36.98 27.29 -28.95
C ASN E 85 36.66 28.24 -30.09
N ASN E 86 35.42 28.77 -30.13
CA ASN E 86 34.93 29.57 -31.25
C ASN E 86 34.24 30.81 -30.67
N THR E 87 35.01 31.87 -30.43
CA THR E 87 34.43 33.06 -29.83
C THR E 87 33.27 33.60 -30.67
N LYS E 88 33.47 33.68 -31.99
CA LYS E 88 32.46 34.22 -32.89
C LYS E 88 31.13 33.47 -32.79
N SER E 89 31.18 32.15 -32.59
CA SER E 89 29.95 31.37 -32.41
C SER E 89 29.18 31.77 -31.15
N PHE E 90 29.91 32.17 -30.10
CA PHE E 90 29.27 32.68 -28.89
C PHE E 90 28.67 34.05 -29.12
N GLU E 91 29.35 34.90 -29.90
CA GLU E 91 28.80 36.20 -30.29
C GLU E 91 27.58 36.06 -31.20
N ASP E 92 27.51 35.04 -32.06
CA ASP E 92 26.35 34.80 -32.92
C ASP E 92 25.12 34.34 -32.15
N ILE E 93 25.26 33.87 -30.91
CA ILE E 93 24.16 33.19 -30.22
C ILE E 93 22.95 34.10 -30.08
N HIS E 94 23.18 35.37 -29.75
CA HIS E 94 22.07 36.31 -29.54
C HIS E 94 21.16 36.37 -30.77
N HIS E 95 21.74 36.34 -31.96
CA HIS E 95 20.98 36.38 -33.20
C HIS E 95 19.99 35.22 -33.27
N TYR E 96 20.45 34.01 -32.94
CA TYR E 96 19.56 32.85 -33.01
C TYR E 96 18.47 32.91 -31.94
N ARG E 97 18.79 33.41 -30.76
CA ARG E 97 17.74 33.54 -29.74
C ARG E 97 16.68 34.55 -30.17
N GLU E 98 17.13 35.70 -30.68
CA GLU E 98 16.22 36.71 -31.22
C GLU E 98 15.34 36.15 -32.32
N GLN E 99 15.92 35.41 -33.27
CA GLN E 99 15.12 34.75 -34.30
C GLN E 99 14.02 33.89 -33.71
N ILE E 100 14.33 33.18 -32.61
CA ILE E 100 13.37 32.21 -32.08
C ILE E 100 12.25 32.93 -31.32
N LYS E 101 12.59 34.01 -30.60
CA LYS E 101 11.56 34.84 -29.98
C LYS E 101 10.60 35.41 -31.01
N ARG E 102 11.10 35.81 -32.18
CA ARG E 102 10.22 36.39 -33.19
C ARG E 102 9.31 35.32 -33.81
N VAL E 103 9.84 34.12 -34.08
CA VAL E 103 8.99 33.06 -34.64
C VAL E 103 7.88 32.65 -33.67
N LYS E 104 8.08 32.82 -32.36
CA LYS E 104 7.08 32.50 -31.36
C LYS E 104 6.40 33.72 -30.73
N ASP E 105 6.87 34.93 -31.06
CA ASP E 105 6.43 36.19 -30.44
C ASP E 105 6.31 36.03 -28.93
N SER E 106 7.39 35.57 -28.32
CA SER E 106 7.36 35.19 -26.92
C SER E 106 8.77 35.31 -26.33
N GLU E 107 8.83 35.77 -25.08
CA GLU E 107 10.06 35.75 -24.29
C GLU E 107 10.19 34.48 -23.48
N ASP E 108 9.15 33.64 -23.48
CA ASP E 108 9.14 32.37 -22.77
C ASP E 108 9.09 31.27 -23.83
N VAL E 109 10.26 30.91 -24.33
CA VAL E 109 10.42 29.78 -25.24
C VAL E 109 11.43 28.84 -24.61
N PRO E 110 11.05 27.59 -24.33
CA PRO E 110 12.00 26.63 -23.75
C PRO E 110 13.27 26.48 -24.57
N MET E 111 14.40 26.64 -23.90
CA MET E 111 15.69 26.77 -24.57
C MET E 111 16.78 26.22 -23.65
N VAL E 112 17.88 25.83 -24.28
CA VAL E 112 19.07 25.40 -23.56
C VAL E 112 20.27 25.99 -24.30
N LEU E 113 21.18 26.62 -23.55
CA LEU E 113 22.43 27.12 -24.09
C LEU E 113 23.51 26.06 -23.94
N VAL E 114 24.11 25.64 -25.05
CA VAL E 114 25.03 24.51 -25.09
C VAL E 114 26.42 25.02 -25.45
N GLY E 115 27.40 24.65 -24.65
CA GLY E 115 28.79 24.81 -25.04
C GLY E 115 29.37 23.48 -25.51
N ASN E 116 29.57 23.33 -26.82
CA ASN E 116 30.14 22.10 -27.38
C ASN E 116 31.67 22.26 -27.51
N LYS E 117 32.34 21.13 -27.75
CA LYS E 117 33.80 21.03 -27.94
C LYS E 117 34.56 21.16 -26.62
N CYS E 118 33.93 20.71 -25.53
CA CYS E 118 34.53 20.67 -24.20
C CYS E 118 35.79 19.83 -24.12
N ASP E 119 36.03 18.93 -25.09
CA ASP E 119 37.23 18.12 -25.13
C ASP E 119 38.47 18.87 -25.63
N LEU E 120 38.31 20.07 -26.14
CA LEU E 120 39.40 20.81 -26.76
C LEU E 120 40.05 21.73 -25.75
N PRO E 121 41.38 21.70 -25.62
CA PRO E 121 42.04 22.58 -24.65
C PRO E 121 41.97 24.04 -25.02
N SER E 122 41.88 24.38 -26.31
CA SER E 122 41.83 25.77 -26.73
C SER E 122 40.46 26.34 -26.38
N ARG E 123 40.35 27.02 -25.24
CA ARG E 123 39.06 27.52 -24.77
C ARG E 123 39.14 29.04 -24.69
N THR E 124 38.26 29.73 -25.43
CA THR E 124 38.21 31.19 -25.43
C THR E 124 36.91 31.73 -24.86
N VAL E 125 35.92 30.89 -24.61
CA VAL E 125 34.69 31.30 -23.94
C VAL E 125 34.66 30.50 -22.64
N ASP E 126 34.96 31.14 -21.53
CA ASP E 126 35.03 30.35 -20.31
C ASP E 126 33.62 30.07 -19.81
N THR E 127 33.54 29.24 -18.78
CA THR E 127 32.26 28.78 -18.25
C THR E 127 31.46 29.92 -17.66
N LYS E 128 32.10 30.79 -16.87
CA LYS E 128 31.40 31.90 -16.26
C LYS E 128 30.77 32.81 -17.29
N GLN E 129 31.53 33.16 -18.34
CA GLN E 129 30.99 33.94 -19.46
C GLN E 129 29.75 33.28 -20.05
N ALA E 130 29.78 31.94 -20.18
CA ALA E 130 28.64 31.20 -20.70
C ALA E 130 27.49 31.15 -19.69
N GLN E 131 27.82 30.97 -18.40
CA GLN E 131 26.79 30.99 -17.37
C GLN E 131 26.10 32.34 -17.31
N ASP E 132 26.83 33.43 -17.57
CA ASP E 132 26.22 34.74 -17.51
C ASP E 132 25.32 35.02 -18.71
N LEU E 133 25.63 34.44 -19.87
CA LEU E 133 24.71 34.55 -21.00
C LEU E 133 23.41 33.79 -20.71
N ALA E 134 23.53 32.53 -20.28
CA ALA E 134 22.34 31.74 -19.96
C ALA E 134 21.53 32.37 -18.84
N ARG E 135 22.19 33.02 -17.87
CA ARG E 135 21.47 33.67 -16.80
C ARG E 135 20.75 34.94 -17.27
N SER E 136 21.28 35.62 -18.29
CA SER E 136 20.57 36.76 -18.86
C SER E 136 19.42 36.34 -19.76
N TYR E 137 19.45 35.12 -20.29
CA TYR E 137 18.32 34.58 -21.02
C TYR E 137 17.32 33.91 -20.09
N GLY E 138 17.77 33.43 -18.93
CA GLY E 138 16.92 32.73 -18.00
C GLY E 138 16.76 31.26 -18.31
N ILE E 139 17.79 30.64 -18.88
CA ILE E 139 17.70 29.28 -19.40
C ILE E 139 18.89 28.47 -18.89
N PRO E 140 18.80 27.15 -18.91
CA PRO E 140 19.95 26.33 -18.51
C PRO E 140 21.11 26.42 -19.49
N PHE E 141 22.33 26.23 -18.96
CA PHE E 141 23.55 26.11 -19.73
C PHE E 141 24.17 24.73 -19.46
N ILE E 142 24.54 24.03 -20.53
CA ILE E 142 25.15 22.70 -20.45
C ILE E 142 26.42 22.69 -21.30
N GLU E 143 27.51 22.18 -20.74
CA GLU E 143 28.77 21.98 -21.44
C GLU E 143 28.76 20.58 -22.07
N THR E 144 28.99 20.50 -23.38
CA THR E 144 28.94 19.22 -24.07
C THR E 144 30.21 18.95 -24.86
N SER E 145 30.40 17.67 -25.20
CA SER E 145 31.39 17.23 -26.17
C SER E 145 30.75 16.08 -26.95
N ALA E 146 30.34 16.35 -28.18
CA ALA E 146 29.85 15.26 -29.02
C ALA E 146 30.95 14.22 -29.31
N LYS E 147 32.22 14.58 -29.13
CA LYS E 147 33.32 13.67 -29.42
C LYS E 147 33.48 12.60 -28.34
N THR E 148 33.39 12.99 -27.06
CA THR E 148 33.44 12.06 -25.94
C THR E 148 32.07 11.79 -25.32
N ARG E 149 31.02 12.39 -25.88
CA ARG E 149 29.62 12.18 -25.50
C ARG E 149 29.27 12.85 -24.19
N GLN E 150 30.26 13.42 -23.52
CA GLN E 150 30.05 14.15 -22.28
C GLN E 150 28.95 15.20 -22.42
N GLY E 151 27.97 15.15 -21.51
CA GLY E 151 26.87 16.10 -21.49
C GLY E 151 25.90 16.07 -22.65
N VAL E 152 26.07 15.18 -23.64
CA VAL E 152 25.20 15.21 -24.80
C VAL E 152 23.78 14.75 -24.45
N ASP E 153 23.65 13.79 -23.54
CA ASP E 153 22.31 13.41 -23.09
C ASP E 153 21.71 14.46 -22.15
N ASP E 154 22.54 15.04 -21.27
CA ASP E 154 22.09 16.11 -20.38
C ASP E 154 21.55 17.30 -21.17
N ALA E 155 22.27 17.72 -22.22
CA ALA E 155 21.83 18.84 -23.04
C ALA E 155 20.44 18.60 -23.62
N PHE E 156 20.27 17.50 -24.34
CA PHE E 156 18.99 17.21 -24.99
C PHE E 156 17.89 16.93 -23.97
N TYR E 157 18.22 16.37 -22.82
CA TYR E 157 17.17 16.01 -21.86
C TYR E 157 16.74 17.20 -21.01
N THR E 158 17.68 18.08 -20.66
CA THR E 158 17.31 19.34 -20.02
C THR E 158 16.30 20.09 -20.86
N LEU E 159 16.54 20.15 -22.17
CA LEU E 159 15.60 20.82 -23.05
C LEU E 159 14.22 20.20 -22.92
N VAL E 160 14.16 18.86 -22.91
CA VAL E 160 12.91 18.14 -22.74
C VAL E 160 12.25 18.50 -21.42
N ARG E 161 13.07 18.64 -20.36
CA ARG E 161 12.51 19.03 -19.06
C ARG E 161 11.99 20.45 -19.10
N GLU E 162 12.68 21.35 -19.82
CA GLU E 162 12.20 22.72 -19.94
C GLU E 162 10.91 22.81 -20.75
N ILE E 163 10.68 21.87 -21.66
CA ILE E 163 9.40 21.82 -22.35
C ILE E 163 8.31 21.31 -21.42
N ARG E 164 8.64 20.32 -20.57
CA ARG E 164 7.67 19.82 -19.60
C ARG E 164 7.23 20.91 -18.63
N LYS E 165 8.19 21.70 -18.11
CA LYS E 165 7.84 22.82 -17.25
C LYS E 165 6.91 23.80 -17.96
N HIS E 166 7.25 24.18 -19.19
CA HIS E 166 6.41 25.11 -19.94
C HIS E 166 5.01 24.54 -20.18
N LYS E 167 4.87 23.22 -20.26
CA LYS E 167 3.53 22.64 -20.45
C LYS E 167 2.64 22.85 -19.23
N GLU E 168 3.21 23.28 -18.10
CA GLU E 168 2.52 24.06 -17.08
C GLU E 168 3.23 25.41 -16.90
PB GDP F . -29.34 -3.79 12.04
O1B GDP F . -29.75 -4.30 10.70
O2B GDP F . -28.72 -4.98 12.76
O3B GDP F . -28.47 -2.57 12.04
O3A GDP F . -30.65 -3.25 12.81
PA GDP F . -32.14 -3.79 12.61
O1A GDP F . -33.13 -2.78 13.14
O2A GDP F . -32.57 -4.13 11.21
O5' GDP F . -32.11 -5.11 13.55
C5' GDP F . -32.67 -6.33 13.07
C4' GDP F . -33.86 -6.89 13.87
O4' GDP F . -33.76 -6.75 15.28
C3' GDP F . -35.27 -6.37 13.56
O3' GDP F . -36.11 -7.54 13.58
C2' GDP F . -35.65 -5.56 14.77
O2' GDP F . -37.06 -5.35 14.92
C1' GDP F . -35.06 -6.48 15.81
N9 GDP F . -34.65 -5.81 17.03
C8 GDP F . -34.10 -4.60 17.04
N7 GDP F . -33.78 -4.24 18.29
C5 GDP F . -34.13 -5.27 19.07
C6 GDP F . -34.04 -5.53 20.50
O6 GDP F . -33.54 -4.65 21.21
N1 GDP F . -34.50 -6.71 20.94
C2 GDP F . -35.03 -7.65 20.14
N2 GDP F . -35.48 -8.80 20.69
N3 GDP F . -35.13 -7.48 18.81
C4 GDP F . -34.68 -6.33 18.24
MG MG G . -28.22 -0.20 10.23
PB GDP H . 7.44 -7.21 -13.19
O1B GDP H . 6.00 -6.88 -13.43
O2B GDP H . 8.25 -7.27 -14.48
O3B GDP H . 8.08 -6.17 -12.30
O3A GDP H . 7.47 -8.60 -12.46
PA GDP H . 6.33 -9.61 -12.80
O1A GDP H . 5.04 -9.40 -12.01
O2A GDP H . 6.29 -9.62 -14.32
O5' GDP H . 7.02 -10.86 -12.20
C5' GDP H . 7.57 -11.83 -13.06
C4' GDP H . 7.86 -12.99 -12.15
O4' GDP H . 8.17 -12.63 -10.79
C3' GDP H . 6.58 -13.77 -12.15
O3' GDP H . 6.92 -15.08 -12.53
C2' GDP H . 6.12 -13.85 -10.72
O2' GDP H . 5.70 -15.19 -10.46
C1' GDP H . 7.37 -13.46 -9.91
N9 GDP H . 6.86 -12.83 -8.68
C8 GDP H . 6.18 -11.66 -8.60
N7 GDP H . 5.82 -11.39 -7.33
C5 GDP H . 6.30 -12.40 -6.56
C6 GDP H . 6.32 -12.77 -5.12
O6 GDP H . 5.82 -12.06 -4.27
N1 GDP H . 6.89 -13.89 -4.72
C2 GDP H . 7.49 -14.71 -5.58
N2 GDP H . 8.05 -15.83 -5.07
N3 GDP H . 7.54 -14.45 -6.92
C4 GDP H . 6.96 -13.35 -7.46
MG MG I . 7.30 -6.22 -15.86
PB GDP J . -4.70 -18.88 9.61
O1B GDP J . -5.21 -19.91 10.56
O2B GDP J . -5.63 -18.73 8.42
O3B GDP J . -3.31 -19.38 9.15
O3A GDP J . -4.57 -17.52 10.40
PA GDP J . -3.60 -16.33 9.97
O1A GDP J . -3.62 -16.12 8.50
O2A GDP J . -2.30 -16.60 10.70
O5' GDP J . -4.19 -14.98 10.60
C5' GDP J . -5.39 -14.44 10.05
C4' GDP J . -5.53 -13.03 10.56
O4' GDP J . -5.57 -13.15 11.99
C3' GDP J . -4.29 -12.23 10.17
O3' GDP J . -4.60 -11.00 9.49
C2' GDP J . -3.54 -11.95 11.47
O2' GDP J . -3.17 -10.57 11.56
C1' GDP J . -4.57 -12.28 12.56
N9 GDP J . -3.84 -12.89 13.70
C8 GDP J . -3.30 -14.11 13.72
N7 GDP J . -2.68 -14.35 14.90
C5 GDP J . -2.84 -13.26 15.66
C6 GDP J . -2.43 -12.86 17.02
O6 GDP J . -1.78 -13.70 17.70
N1 GDP J . -2.76 -11.64 17.46
C2 GDP J . -3.48 -10.77 16.69
N2 GDP J . -3.81 -9.52 17.17
N3 GDP J . -3.87 -11.08 15.42
C4 GDP J . -3.58 -12.29 14.86
MG MG K . -3.09 -19.23 7.09
PB GDP L . 27.52 21.99 -37.24
O1B GDP L . 26.56 20.99 -37.80
O2B GDP L . 27.59 23.21 -38.15
O3B GDP L . 27.12 22.55 -35.91
O3A GDP L . 28.98 21.31 -36.91
PA GDP L . 29.66 19.98 -37.55
O1A GDP L . 29.27 18.66 -36.93
O2A GDP L . 29.36 20.05 -39.04
O5' GDP L . 31.19 20.16 -37.05
C5' GDP L . 32.29 20.44 -37.90
C4' GDP L . 33.59 19.89 -37.27
O4' GDP L . 33.68 20.00 -35.83
C3' GDP L . 33.67 18.42 -37.59
O3' GDP L . 35.06 18.10 -37.86
C2' GDP L . 33.10 17.83 -36.29
O2' GDP L . 33.19 16.39 -36.21
C1' GDP L . 33.79 18.70 -35.23
N9 GDP L . 33.16 18.71 -33.87
C8 GDP L . 31.86 18.91 -33.61
N7 GDP L . 31.59 18.89 -32.27
C5 GDP L . 32.77 18.70 -31.64
C6 GDP L . 33.21 18.55 -30.23
O6 GDP L . 32.39 18.65 -29.27
N1 GDP L . 34.50 18.35 -30.00
C2 GDP L . 35.43 18.26 -30.97
N2 GDP L . 36.71 18.05 -30.58
N3 GDP L . 35.10 18.37 -32.31
C4 GDP L . 33.81 18.59 -32.69
MG MG M . 25.12 19.52 -41.52
#